data_8WOW
#
_entry.id   8WOW
#
_cell.length_a   101.228
_cell.length_b   108.929
_cell.length_c   130.862
_cell.angle_alpha   90.00
_cell.angle_beta   90.00
_cell.angle_gamma   90.00
#
_symmetry.space_group_name_H-M   'C 2 2 21'
#
loop_
_entity.id
_entity.type
_entity.pdbx_description
1 polymer 'UDP-glucose 4-epimerase 2'
2 non-polymer "URIDINE-5'-DIPHOSPHATE"
3 non-polymer NICOTINAMIDE-ADENINE-DINUCLEOTIDE
4 non-polymer 'SULFATE ION'
5 water water
#
_entity_poly.entity_id   1
_entity_poly.type   'polypeptide(L)'
_entity_poly.pdbx_seq_one_letter_code
;MGSSHHHHHHSSGLVPRGSHMAKSVLVTGGAGYIGSHTVLQLLEGGYSAVVVDNYDNSSAASLQRVKKLAGENGNRLSFH
QVDLRDRPALEKIFSETKFDAVIHFAGLKAVGESVEKPLLYYNNNIVGTVTLLEVMAQYGCKNLVFSSSATVYGWPKEVP
CTEESPISATNPYGRTKLFLEEICRDVHRSDSEWKIILLRYFNPVGAHPSGYIGEDPLGVPNNLMPYVQQVAVGRRPHLT
VFGTDYKTKDGTAVRDYIHVMDLADGHIAALRKLDDLKISCEVYNLGTGNGTSVLEMVAAFEKASGKKIPLVMAGRRPGD
AEVVYASTEKAERELNWKAKNGIEEMCRDLWNWASNNPYGYNSSSNGSSS
;
_entity_poly.pdbx_strand_id   A,B
#
loop_
_chem_comp.id
_chem_comp.type
_chem_comp.name
_chem_comp.formula
NAD non-polymer NICOTINAMIDE-ADENINE-DINUCLEOTIDE 'C21 H27 N7 O14 P2'
SO4 non-polymer 'SULFATE ION' 'O4 S -2'
UDP RNA linking URIDINE-5'-DIPHOSPHATE 'C9 H14 N2 O12 P2'
#
# COMPACT_ATOMS: atom_id res chain seq x y z
N ALA A 22 16.65 -23.99 21.11
CA ALA A 22 17.05 -24.41 19.76
C ALA A 22 16.23 -23.68 18.70
N LYS A 23 16.22 -22.33 18.72
CA LYS A 23 15.25 -21.55 17.94
C LYS A 23 15.95 -20.46 17.12
N SER A 24 15.38 -20.20 15.94
CA SER A 24 16.11 -19.57 14.85
C SER A 24 15.23 -18.50 14.20
N VAL A 25 15.83 -17.31 14.06
CA VAL A 25 15.07 -16.10 13.82
C VAL A 25 15.80 -15.35 12.71
N LEU A 26 15.05 -14.95 11.67
CA LEU A 26 15.57 -14.02 10.67
C LEU A 26 15.19 -12.61 11.09
N VAL A 27 16.18 -11.72 11.11
CA VAL A 27 15.98 -10.31 11.46
C VAL A 27 16.30 -9.44 10.25
N THR A 28 15.22 -8.92 9.70
CA THR A 28 15.25 -7.90 8.68
C THR A 28 15.59 -6.54 9.31
N GLY A 29 16.36 -5.68 8.65
CA GLY A 29 16.76 -4.41 9.24
C GLY A 29 17.59 -4.53 10.54
N GLY A 30 18.27 -5.66 10.70
CA GLY A 30 18.95 -6.01 11.94
C GLY A 30 20.25 -5.23 12.20
N ALA A 31 20.75 -4.51 11.18
CA ALA A 31 21.91 -3.66 11.36
C ALA A 31 21.51 -2.31 11.92
N GLY A 32 20.19 -2.05 11.98
CA GLY A 32 19.69 -0.73 12.34
C GLY A 32 19.70 -0.50 13.85
N TYR A 33 19.11 0.62 14.29
CA TYR A 33 19.09 1.02 15.68
C TYR A 33 18.41 -0.06 16.54
N ILE A 34 17.12 -0.31 16.28
CA ILE A 34 16.33 -1.21 17.07
C ILE A 34 16.72 -2.65 16.77
N GLY A 35 16.93 -2.98 15.48
CA GLY A 35 17.39 -4.30 15.10
C GLY A 35 18.68 -4.72 15.81
N SER A 36 19.69 -3.84 15.82
CA SER A 36 20.96 -4.17 16.42
C SER A 36 20.77 -4.61 17.87
N HIS A 37 20.04 -3.78 18.63
CA HIS A 37 19.84 -3.99 20.05
C HIS A 37 19.05 -5.29 20.30
N THR A 38 18.03 -5.49 19.46
CA THR A 38 17.18 -6.66 19.51
C THR A 38 17.96 -7.91 19.12
N VAL A 39 18.92 -7.81 18.19
CA VAL A 39 19.68 -8.98 17.80
C VAL A 39 20.55 -9.39 18.98
N LEU A 40 21.18 -8.39 19.59
CA LEU A 40 21.97 -8.68 20.76
C LEU A 40 21.12 -9.45 21.78
N GLN A 41 19.87 -9.03 22.05
CA GLN A 41 19.08 -9.61 23.14
C GLN A 41 18.63 -11.02 22.73
N LEU A 42 18.36 -11.23 21.43
CA LEU A 42 18.13 -12.57 20.94
C LEU A 42 19.32 -13.45 21.30
N LEU A 43 20.53 -13.00 20.95
CA LEU A 43 21.72 -13.82 21.17
C LEU A 43 21.86 -14.15 22.65
N GLU A 44 21.75 -13.12 23.54
CA GLU A 44 21.86 -13.34 24.97
C GLU A 44 20.72 -14.26 25.43
N GLY A 45 19.64 -14.29 24.65
CA GLY A 45 18.47 -15.03 25.04
C GLY A 45 18.51 -16.51 24.65
N GLY A 46 19.56 -16.94 23.94
CA GLY A 46 19.62 -18.33 23.53
C GLY A 46 19.22 -18.54 22.06
N TYR A 47 18.74 -17.47 21.39
CA TYR A 47 18.31 -17.56 20.02
C TYR A 47 19.51 -17.51 19.09
N SER A 48 19.23 -17.97 17.89
CA SER A 48 20.14 -17.93 16.78
C SER A 48 19.57 -16.92 15.79
N ALA A 49 20.36 -15.98 15.30
CA ALA A 49 19.79 -14.93 14.46
C ALA A 49 20.53 -14.85 13.13
N VAL A 50 19.76 -14.72 12.03
CA VAL A 50 20.30 -14.36 10.73
C VAL A 50 19.78 -12.97 10.35
N VAL A 51 20.69 -12.06 10.01
CA VAL A 51 20.28 -10.69 9.79
C VAL A 51 20.42 -10.39 8.30
N VAL A 52 19.39 -9.74 7.72
CA VAL A 52 19.46 -9.29 6.35
C VAL A 52 19.26 -7.78 6.34
N ASP A 53 20.29 -7.05 5.94
CA ASP A 53 20.17 -5.59 5.88
C ASP A 53 20.85 -5.15 4.60
N ASN A 54 20.48 -3.97 4.08
CA ASN A 54 21.14 -3.42 2.88
C ASN A 54 21.95 -2.17 3.20
N TYR A 55 22.16 -1.88 4.48
CA TYR A 55 23.05 -0.80 4.89
C TYR A 55 22.64 0.53 4.25
N ASP A 56 21.36 0.63 3.91
CA ASP A 56 20.80 1.88 3.44
C ASP A 56 20.85 2.93 4.55
N ASN A 57 20.59 2.49 5.81
CA ASN A 57 20.58 3.40 6.94
C ASN A 57 21.37 2.83 8.12
N SER A 58 22.44 2.07 7.84
CA SER A 58 23.28 1.51 8.90
C SER A 58 24.66 1.15 8.33
N SER A 59 25.46 0.46 9.16
CA SER A 59 26.73 -0.10 8.73
C SER A 59 26.93 -1.48 9.37
N ALA A 60 27.93 -2.22 8.85
CA ALA A 60 28.22 -3.56 9.32
C ALA A 60 28.78 -3.53 10.75
N ALA A 61 29.41 -2.40 11.10
CA ALA A 61 30.04 -2.19 12.39
C ALA A 61 29.11 -2.50 13.57
N SER A 62 27.82 -2.18 13.44
CA SER A 62 26.90 -2.42 14.52
C SER A 62 26.84 -3.91 14.83
N LEU A 63 26.81 -4.76 13.79
CA LEU A 63 26.68 -6.19 13.98
C LEU A 63 28.04 -6.79 14.30
N GLN A 64 29.13 -6.21 13.80
CA GLN A 64 30.43 -6.62 14.31
C GLN A 64 30.43 -6.41 15.81
N ARG A 65 29.84 -5.30 16.25
CA ARG A 65 29.99 -4.92 17.64
C ARG A 65 29.03 -5.70 18.50
N VAL A 66 27.86 -6.08 17.96
CA VAL A 66 26.94 -6.95 18.67
C VAL A 66 27.59 -8.31 18.90
N LYS A 67 28.28 -8.84 17.88
CA LYS A 67 29.04 -10.07 18.01
C LYS A 67 29.90 -10.05 19.27
N LYS A 68 30.74 -9.02 19.42
CA LYS A 68 31.78 -9.07 20.46
C LYS A 68 31.05 -9.06 21.80
N LEU A 69 29.98 -8.26 21.86
CA LEU A 69 29.27 -7.95 23.08
C LEU A 69 28.41 -9.13 23.55
N ALA A 70 27.98 -9.96 22.58
CA ALA A 70 27.20 -11.16 22.83
C ALA A 70 28.06 -12.28 23.39
N GLY A 71 29.40 -12.12 23.31
CA GLY A 71 30.36 -13.06 23.85
C GLY A 71 30.30 -14.41 23.14
N GLU A 72 30.07 -15.46 23.93
CA GLU A 72 30.04 -16.82 23.44
C GLU A 72 28.89 -16.97 22.44
N ASN A 73 27.78 -16.26 22.69
CA ASN A 73 26.60 -16.34 21.86
C ASN A 73 26.82 -15.71 20.49
N GLY A 74 27.90 -14.93 20.32
CA GLY A 74 28.23 -14.34 19.04
C GLY A 74 28.28 -15.40 17.94
N ASN A 75 28.56 -16.65 18.33
CA ASN A 75 28.76 -17.72 17.36
C ASN A 75 27.47 -18.01 16.58
N ARG A 76 26.33 -17.48 17.04
CA ARG A 76 25.02 -17.85 16.50
C ARG A 76 24.44 -16.67 15.72
N LEU A 77 25.28 -15.70 15.39
CA LEU A 77 24.86 -14.59 14.54
C LEU A 77 25.50 -14.74 13.16
N SER A 78 24.66 -14.43 12.17
CA SER A 78 24.95 -14.50 10.77
C SER A 78 24.32 -13.25 10.15
N PHE A 79 25.03 -12.56 9.24
CA PHE A 79 24.52 -11.33 8.67
C PHE A 79 24.82 -11.28 7.18
N HIS A 80 23.76 -11.27 6.36
CA HIS A 80 23.89 -11.14 4.92
C HIS A 80 23.49 -9.73 4.48
N GLN A 81 24.16 -9.24 3.45
CA GLN A 81 23.84 -7.94 2.91
C GLN A 81 22.88 -8.08 1.73
N VAL A 82 21.61 -7.75 1.95
CA VAL A 82 20.55 -8.16 1.05
C VAL A 82 19.42 -7.16 1.15
N ASP A 83 18.88 -6.78 0.00
CA ASP A 83 17.69 -5.94 -0.05
C ASP A 83 16.49 -6.87 -0.05
N LEU A 84 15.48 -6.58 0.76
CA LEU A 84 14.23 -7.34 0.78
C LEU A 84 13.56 -7.41 -0.60
N ARG A 85 13.82 -6.40 -1.45
CA ARG A 85 13.28 -6.42 -2.80
C ARG A 85 14.01 -7.40 -3.72
N ASP A 86 15.21 -7.86 -3.33
CA ASP A 86 16.00 -8.82 -4.07
C ASP A 86 15.50 -10.23 -3.76
N ARG A 87 14.55 -10.68 -4.56
CA ARG A 87 13.84 -11.91 -4.30
C ARG A 87 14.75 -13.13 -4.41
N PRO A 88 15.60 -13.27 -5.44
CA PRO A 88 16.47 -14.44 -5.53
C PRO A 88 17.33 -14.60 -4.27
N ALA A 89 17.87 -13.49 -3.79
CA ALA A 89 18.77 -13.47 -2.65
C ALA A 89 18.07 -13.96 -1.38
N LEU A 90 16.83 -13.51 -1.23
CA LEU A 90 16.02 -13.78 -0.07
C LEU A 90 15.54 -15.23 -0.09
N GLU A 91 15.28 -15.74 -1.29
CA GLU A 91 14.87 -17.13 -1.44
C GLU A 91 16.02 -18.02 -0.99
N LYS A 92 17.24 -17.65 -1.40
CA LYS A 92 18.46 -18.36 -1.02
C LYS A 92 18.55 -18.48 0.51
N ILE A 93 18.29 -17.36 1.19
CA ILE A 93 18.39 -17.31 2.63
C ILE A 93 17.39 -18.26 3.28
N PHE A 94 16.15 -18.29 2.76
CA PHE A 94 15.08 -19.08 3.36
C PHE A 94 15.22 -20.56 3.00
N SER A 95 15.83 -20.87 1.84
CA SER A 95 16.27 -22.21 1.45
C SER A 95 17.12 -22.89 2.51
N GLU A 96 18.17 -22.21 2.98
CA GLU A 96 19.27 -22.86 3.70
C GLU A 96 19.05 -22.89 5.20
N THR A 97 17.97 -22.27 5.70
CA THR A 97 17.77 -22.17 7.13
C THR A 97 16.28 -22.28 7.44
N LYS A 98 15.93 -23.29 8.25
CA LYS A 98 14.62 -23.39 8.86
C LYS A 98 14.50 -22.23 9.86
N PHE A 99 13.81 -21.17 9.44
CA PHE A 99 13.54 -20.03 10.31
C PHE A 99 12.25 -20.28 11.07
N ASP A 100 12.29 -20.07 12.39
CA ASP A 100 11.16 -20.35 13.26
C ASP A 100 10.23 -19.13 13.31
N ALA A 101 10.74 -17.96 12.90
CA ALA A 101 10.04 -16.68 12.95
C ALA A 101 10.90 -15.58 12.36
N VAL A 102 10.23 -14.52 11.87
CA VAL A 102 10.88 -13.38 11.24
C VAL A 102 10.51 -12.11 12.00
N ILE A 103 11.53 -11.36 12.43
CA ILE A 103 11.30 -10.00 12.89
C ILE A 103 11.69 -9.02 11.77
N HIS A 104 10.68 -8.25 11.33
CA HIS A 104 10.79 -7.34 10.19
C HIS A 104 10.92 -5.87 10.63
N PHE A 105 12.17 -5.40 10.74
CA PHE A 105 12.47 -4.02 11.10
C PHE A 105 12.72 -3.13 9.88
N ALA A 106 12.95 -3.75 8.71
CA ALA A 106 13.56 -3.08 7.58
C ALA A 106 12.60 -2.08 7.00
N GLY A 107 13.11 -0.87 6.74
CA GLY A 107 12.31 0.15 6.11
C GLY A 107 12.92 1.53 6.31
N LEU A 108 12.42 2.45 5.48
CA LEU A 108 12.64 3.87 5.66
C LEU A 108 11.62 4.35 6.70
N LYS A 109 11.98 5.38 7.49
CA LYS A 109 11.16 5.75 8.64
C LYS A 109 10.98 7.26 8.84
N ALA A 110 11.63 8.12 8.04
CA ALA A 110 11.60 9.57 8.21
C ALA A 110 10.39 10.19 7.52
N VAL A 111 9.47 10.79 8.30
CA VAL A 111 8.25 11.34 7.75
C VAL A 111 8.56 12.56 6.88
N GLY A 112 9.60 13.33 7.25
CA GLY A 112 9.99 14.49 6.45
C GLY A 112 10.46 14.10 5.06
N GLU A 113 11.28 13.06 4.99
CA GLU A 113 11.74 12.52 3.73
C GLU A 113 10.58 11.89 2.94
N SER A 114 9.56 11.37 3.64
CA SER A 114 8.54 10.56 2.98
C SER A 114 7.65 11.49 2.17
N VAL A 115 7.42 12.68 2.73
CA VAL A 115 6.63 13.72 2.09
C VAL A 115 7.34 14.21 0.83
N GLU A 116 8.66 14.35 0.88
CA GLU A 116 9.41 14.81 -0.26
C GLU A 116 9.56 13.69 -1.29
N LYS A 117 9.76 12.43 -0.81
CA LYS A 117 10.02 11.29 -1.69
C LYS A 117 9.09 10.10 -1.36
N PRO A 118 7.80 10.17 -1.77
CA PRO A 118 6.80 9.16 -1.36
C PRO A 118 7.01 7.84 -2.08
N LEU A 119 7.52 7.92 -3.30
CA LEU A 119 7.72 6.74 -4.13
C LEU A 119 8.82 5.90 -3.51
N LEU A 120 9.90 6.54 -3.06
CA LEU A 120 11.01 5.85 -2.41
C LEU A 120 10.47 5.04 -1.21
N TYR A 121 9.56 5.68 -0.47
CA TYR A 121 9.00 5.12 0.75
C TYR A 121 8.07 3.95 0.39
N TYR A 122 7.04 4.20 -0.45
CA TYR A 122 6.12 3.16 -0.90
C TYR A 122 6.90 2.00 -1.52
N ASN A 123 7.80 2.33 -2.42
CA ASN A 123 8.61 1.34 -3.10
C ASN A 123 9.34 0.45 -2.09
N ASN A 124 10.28 1.04 -1.36
CA ASN A 124 11.08 0.33 -0.38
C ASN A 124 10.21 -0.38 0.67
N ASN A 125 9.23 0.34 1.23
CA ASN A 125 8.50 -0.17 2.39
C ASN A 125 7.50 -1.22 1.97
N ILE A 126 6.86 -1.07 0.82
CA ILE A 126 5.77 -1.99 0.52
C ILE A 126 6.26 -3.08 -0.41
N VAL A 127 6.99 -2.73 -1.45
CA VAL A 127 7.52 -3.79 -2.29
C VAL A 127 8.38 -4.67 -1.39
N GLY A 128 9.25 -4.03 -0.60
CA GLY A 128 10.10 -4.77 0.30
C GLY A 128 9.30 -5.75 1.16
N THR A 129 8.23 -5.29 1.79
CA THR A 129 7.51 -6.15 2.72
C THR A 129 6.76 -7.25 1.98
N VAL A 130 6.20 -6.92 0.80
CA VAL A 130 5.34 -7.87 0.10
C VAL A 130 6.22 -9.03 -0.36
N THR A 131 7.39 -8.70 -0.88
CA THR A 131 8.35 -9.69 -1.33
C THR A 131 8.78 -10.58 -0.16
N LEU A 132 8.89 -10.03 1.05
CA LEU A 132 9.23 -10.85 2.21
C LEU A 132 8.09 -11.80 2.57
N LEU A 133 6.86 -11.27 2.62
CA LEU A 133 5.68 -12.05 2.93
C LEU A 133 5.54 -13.21 1.95
N GLU A 134 5.83 -12.96 0.67
CA GLU A 134 5.68 -13.96 -0.37
C GLU A 134 6.78 -15.04 -0.21
N VAL A 135 8.03 -14.64 0.03
CA VAL A 135 9.06 -15.63 0.21
C VAL A 135 8.79 -16.44 1.48
N MET A 136 8.43 -15.75 2.57
CA MET A 136 8.12 -16.43 3.82
C MET A 136 7.08 -17.50 3.54
N ALA A 137 5.99 -17.13 2.85
CA ALA A 137 4.91 -18.08 2.63
C ALA A 137 5.44 -19.24 1.78
N GLN A 138 6.23 -18.95 0.75
CA GLN A 138 6.75 -20.02 -0.08
C GLN A 138 7.48 -21.07 0.76
N TYR A 139 8.31 -20.66 1.73
CA TYR A 139 9.22 -21.58 2.41
C TYR A 139 8.66 -22.05 3.76
N GLY A 140 7.36 -21.83 3.98
CA GLY A 140 6.66 -22.34 5.16
C GLY A 140 7.11 -21.67 6.46
N CYS A 141 7.44 -20.37 6.39
CA CYS A 141 7.73 -19.62 7.60
C CYS A 141 6.72 -18.49 7.69
N LYS A 142 5.63 -18.76 8.44
CA LYS A 142 4.48 -17.86 8.50
C LYS A 142 4.30 -17.31 9.90
N ASN A 143 5.42 -17.08 10.59
CA ASN A 143 5.41 -16.40 11.86
C ASN A 143 6.13 -15.07 11.76
N LEU A 144 5.36 -13.98 11.88
CA LEU A 144 5.92 -12.65 11.65
C LEU A 144 5.75 -11.74 12.86
N VAL A 145 6.84 -11.07 13.23
CA VAL A 145 6.80 -9.92 14.12
C VAL A 145 7.21 -8.67 13.35
N PHE A 146 6.25 -7.75 13.26
CA PHE A 146 6.32 -6.61 12.38
C PHE A 146 6.54 -5.33 13.17
N SER A 147 7.47 -4.50 12.67
CA SER A 147 7.71 -3.15 13.17
C SER A 147 6.63 -2.21 12.65
N SER A 148 5.54 -2.11 13.38
CA SER A 148 4.55 -1.06 13.16
C SER A 148 4.92 0.11 14.06
N SER A 149 4.05 1.11 14.19
CA SER A 149 4.40 2.40 14.74
C SER A 149 3.17 3.10 15.29
N ALA A 150 3.36 3.92 16.33
CA ALA A 150 2.28 4.67 16.98
C ALA A 150 1.74 5.79 16.09
N THR A 151 2.41 6.01 14.95
CA THR A 151 2.08 7.00 13.95
C THR A 151 0.78 6.63 13.22
N VAL A 152 0.37 5.34 13.31
CA VAL A 152 -0.83 4.89 12.63
C VAL A 152 -2.04 5.29 13.48
N TYR A 153 -1.80 5.84 14.67
CA TYR A 153 -2.89 6.35 15.51
C TYR A 153 -3.32 7.72 15.01
N GLY A 154 -2.42 8.35 14.26
CA GLY A 154 -2.73 9.53 13.49
C GLY A 154 -2.73 10.76 14.39
N TRP A 155 -3.81 11.53 14.29
CA TRP A 155 -4.14 12.59 15.21
C TRP A 155 -5.16 12.03 16.20
N PRO A 156 -4.74 11.45 17.36
CA PRO A 156 -5.65 10.65 18.16
C PRO A 156 -6.72 11.47 18.87
N LYS A 157 -7.95 10.96 18.93
CA LYS A 157 -9.00 11.65 19.68
C LYS A 157 -8.79 11.42 21.18
N GLU A 158 -8.55 10.16 21.59
CA GLU A 158 -8.41 9.80 23.00
C GLU A 158 -6.94 9.40 23.22
N VAL A 159 -6.29 9.96 24.26
CA VAL A 159 -5.07 9.40 24.84
C VAL A 159 -5.40 8.93 26.25
N PRO A 160 -4.73 7.88 26.79
CA PRO A 160 -3.75 7.07 26.08
C PRO A 160 -4.28 6.37 24.85
N CYS A 161 -3.40 6.06 23.89
CA CYS A 161 -3.78 5.39 22.65
C CYS A 161 -3.85 3.89 22.80
N THR A 162 -5.04 3.28 22.67
CA THR A 162 -5.19 1.86 22.94
C THR A 162 -5.05 1.13 21.63
N GLU A 163 -4.72 -0.17 21.69
CA GLU A 163 -4.71 -0.97 20.49
C GLU A 163 -6.09 -1.00 19.79
N GLU A 164 -7.19 -0.68 20.48
CA GLU A 164 -8.52 -0.67 19.89
C GLU A 164 -8.86 0.66 19.21
N SER A 165 -8.03 1.69 19.34
CA SER A 165 -8.46 3.02 18.94
C SER A 165 -8.39 3.17 17.42
N PRO A 166 -9.03 4.23 16.87
CA PRO A 166 -9.05 4.47 15.43
C PRO A 166 -7.65 4.62 14.88
N ILE A 167 -7.45 4.13 13.66
CA ILE A 167 -6.14 4.19 13.03
C ILE A 167 -6.23 4.97 11.73
N SER A 168 -5.08 5.52 11.33
CA SER A 168 -5.07 6.60 10.37
C SER A 168 -3.63 7.05 10.12
N ALA A 169 -3.37 7.60 8.96
CA ALA A 169 -2.05 8.13 8.72
C ALA A 169 -2.17 9.52 8.13
N THR A 170 -1.10 10.31 8.31
CA THR A 170 -1.13 11.72 7.99
C THR A 170 0.01 12.11 7.05
N ASN A 171 0.85 11.14 6.64
CA ASN A 171 1.98 11.38 5.76
C ASN A 171 2.33 10.06 5.09
N PRO A 172 3.17 10.04 4.03
CA PRO A 172 3.50 8.79 3.33
C PRO A 172 4.08 7.70 4.25
N TYR A 173 5.06 8.05 5.10
CA TYR A 173 5.70 7.05 5.95
C TYR A 173 4.65 6.31 6.77
N GLY A 174 3.81 7.11 7.44
CA GLY A 174 2.76 6.56 8.27
C GLY A 174 1.75 5.77 7.46
N ARG A 175 1.61 6.08 6.17
CA ARG A 175 0.78 5.29 5.29
C ARG A 175 1.40 3.92 5.04
N THR A 176 2.74 3.85 4.86
CA THR A 176 3.40 2.57 4.65
C THR A 176 3.15 1.64 5.84
N LYS A 177 3.00 2.18 7.05
CA LYS A 177 2.80 1.31 8.20
C LYS A 177 1.33 0.91 8.31
N LEU A 178 0.44 1.88 8.11
CA LEU A 178 -0.99 1.60 8.12
C LEU A 178 -1.32 0.56 7.05
N PHE A 179 -0.90 0.84 5.81
CA PHE A 179 -1.15 -0.07 4.68
C PHE A 179 -0.59 -1.47 4.94
N LEU A 180 0.62 -1.55 5.53
CA LEU A 180 1.24 -2.86 5.74
C LEU A 180 0.51 -3.64 6.85
N GLU A 181 0.09 -2.96 7.92
CA GLU A 181 -0.74 -3.60 8.93
C GLU A 181 -1.97 -4.21 8.26
N GLU A 182 -2.61 -3.40 7.40
CA GLU A 182 -3.78 -3.84 6.66
C GLU A 182 -3.45 -5.06 5.82
N ILE A 183 -2.26 -5.09 5.21
CA ILE A 183 -1.88 -6.19 4.33
C ILE A 183 -1.67 -7.45 5.14
N CYS A 184 -0.99 -7.33 6.28
CA CYS A 184 -0.82 -8.41 7.23
C CYS A 184 -2.18 -8.96 7.65
N ARG A 185 -3.12 -8.07 7.94
CA ARG A 185 -4.47 -8.50 8.30
C ARG A 185 -5.11 -9.25 7.14
N ASP A 186 -4.96 -8.77 5.92
CA ASP A 186 -5.46 -9.47 4.73
C ASP A 186 -4.82 -10.86 4.59
N VAL A 187 -3.50 -10.94 4.84
CA VAL A 187 -2.76 -12.18 4.65
C VAL A 187 -3.25 -13.23 5.64
N HIS A 188 -3.42 -12.79 6.90
CA HIS A 188 -3.99 -13.58 7.97
C HIS A 188 -5.37 -14.10 7.57
N ARG A 189 -6.26 -13.21 7.10
CA ARG A 189 -7.62 -13.61 6.74
C ARG A 189 -7.57 -14.62 5.60
N SER A 190 -6.53 -14.53 4.77
CA SER A 190 -6.45 -15.37 3.58
C SER A 190 -6.00 -16.77 3.96
N ASP A 191 -5.40 -16.91 5.14
CA ASP A 191 -4.55 -18.07 5.38
C ASP A 191 -4.27 -18.20 6.87
N SER A 192 -5.00 -19.11 7.51
CA SER A 192 -4.97 -19.17 8.96
C SER A 192 -3.70 -19.81 9.48
N GLU A 193 -2.77 -20.25 8.63
CA GLU A 193 -1.50 -20.77 9.16
C GLU A 193 -0.63 -19.65 9.73
N TRP A 194 -0.77 -18.42 9.18
CA TRP A 194 0.03 -17.27 9.62
C TRP A 194 -0.29 -16.89 11.06
N LYS A 195 0.77 -16.67 11.87
CA LYS A 195 0.64 -16.02 13.17
C LYS A 195 1.50 -14.75 13.15
N ILE A 196 0.84 -13.62 13.46
CA ILE A 196 1.42 -12.32 13.20
C ILE A 196 1.19 -11.40 14.39
N ILE A 197 2.28 -10.81 14.88
CA ILE A 197 2.19 -9.75 15.88
C ILE A 197 2.67 -8.45 15.23
N LEU A 198 1.81 -7.44 15.27
CA LEU A 198 2.11 -6.10 14.81
C LEU A 198 2.51 -5.27 16.03
N LEU A 199 3.82 -4.98 16.17
CA LEU A 199 4.27 -4.20 17.31
C LEU A 199 4.28 -2.71 16.93
N ARG A 200 3.41 -1.92 17.56
CA ARG A 200 3.46 -0.48 17.39
C ARG A 200 4.42 0.14 18.41
N TYR A 201 5.66 0.34 17.96
CA TYR A 201 6.62 1.09 18.75
C TYR A 201 6.15 2.53 18.91
N PHE A 202 6.35 3.05 20.13
CA PHE A 202 6.25 4.49 20.32
C PHE A 202 7.61 5.05 19.90
N ASN A 203 8.36 5.72 20.78
CA ASN A 203 9.53 6.48 20.31
C ASN A 203 10.77 5.93 20.97
N PRO A 204 11.39 4.91 20.37
CA PRO A 204 12.65 4.34 20.89
C PRO A 204 13.77 5.33 21.17
N VAL A 205 14.35 5.32 22.35
CA VAL A 205 15.47 6.21 22.59
C VAL A 205 16.50 5.49 23.44
N GLY A 206 17.78 5.86 23.27
CA GLY A 206 18.84 5.38 24.15
C GLY A 206 19.83 4.48 23.44
N ALA A 207 20.63 3.78 24.23
CA ALA A 207 21.60 2.85 23.69
C ALA A 207 21.84 1.76 24.74
N HIS A 208 22.48 0.67 24.31
CA HIS A 208 22.98 -0.32 25.23
C HIS A 208 23.75 0.39 26.32
N PRO A 209 23.49 0.09 27.60
CA PRO A 209 24.20 0.75 28.70
C PRO A 209 25.73 0.57 28.65
N SER A 210 26.24 -0.39 27.87
CA SER A 210 27.69 -0.55 27.74
C SER A 210 28.31 0.63 27.02
N GLY A 211 27.51 1.33 26.22
CA GLY A 211 28.01 2.43 25.41
C GLY A 211 28.63 1.98 24.08
N TYR A 212 28.72 0.67 23.87
CA TYR A 212 29.46 0.13 22.74
C TYR A 212 28.65 0.15 21.45
N ILE A 213 27.31 0.21 21.56
CA ILE A 213 26.40 0.31 20.42
C ILE A 213 25.31 1.32 20.75
N GLY A 214 24.73 1.88 19.69
CA GLY A 214 23.60 2.77 19.81
C GLY A 214 23.10 3.19 18.43
N GLU A 215 22.42 4.33 18.37
CA GLU A 215 21.89 4.76 17.09
C GLU A 215 23.00 5.43 16.30
N ASP A 216 23.13 5.06 15.03
CA ASP A 216 24.04 5.71 14.10
C ASP A 216 23.39 5.73 12.72
N PRO A 217 22.52 6.71 12.41
CA PRO A 217 21.89 6.75 11.10
C PRO A 217 22.88 7.37 10.12
N LEU A 218 22.68 7.08 8.82
CA LEU A 218 23.48 7.61 7.73
C LEU A 218 22.88 8.93 7.26
N GLY A 219 23.75 9.90 7.05
CA GLY A 219 23.34 11.25 6.73
C GLY A 219 22.53 11.85 7.86
N VAL A 220 21.55 12.68 7.48
CA VAL A 220 20.88 13.58 8.38
C VAL A 220 19.86 12.80 9.19
N PRO A 221 20.00 12.63 10.54
CA PRO A 221 19.00 11.93 11.34
C PRO A 221 17.67 12.64 11.34
N ASN A 222 16.57 11.90 11.28
CA ASN A 222 15.27 12.53 11.29
C ASN A 222 14.60 12.40 12.65
N ASN A 223 15.07 11.49 13.49
CA ASN A 223 14.44 11.33 14.78
C ASN A 223 14.99 12.42 15.67
N LEU A 224 14.23 12.75 16.71
CA LEU A 224 14.52 13.90 17.55
C LEU A 224 15.83 13.72 18.31
N MET A 225 15.91 12.62 19.05
CA MET A 225 17.04 12.42 19.94
C MET A 225 18.36 12.17 19.18
N PRO A 226 18.45 11.43 18.05
CA PRO A 226 19.71 11.34 17.32
C PRO A 226 20.13 12.73 16.82
N TYR A 227 19.13 13.54 16.47
CA TYR A 227 19.46 14.88 16.00
C TYR A 227 20.03 15.69 17.15
N VAL A 228 19.42 15.57 18.33
CA VAL A 228 19.90 16.22 19.53
C VAL A 228 21.36 15.79 19.79
N GLN A 229 21.67 14.49 19.76
CA GLN A 229 23.01 14.11 20.18
C GLN A 229 24.02 14.52 19.11
N GLN A 230 23.54 14.73 17.89
CA GLN A 230 24.35 15.17 16.74
C GLN A 230 24.74 16.64 16.99
N VAL A 231 23.79 17.46 17.47
CA VAL A 231 24.04 18.85 17.83
C VAL A 231 25.03 18.93 19.00
N ALA A 232 24.89 18.01 19.97
CA ALA A 232 25.58 18.11 21.24
C ALA A 232 27.07 17.78 21.10
N VAL A 233 27.43 16.92 20.14
CA VAL A 233 28.82 16.54 19.97
C VAL A 233 29.45 17.41 18.89
N GLY A 234 28.64 18.20 18.17
CA GLY A 234 29.13 19.27 17.32
C GLY A 234 28.96 19.01 15.82
N ARG A 235 28.32 17.90 15.42
CA ARG A 235 28.01 17.64 14.01
C ARG A 235 26.98 18.60 13.45
N ARG A 236 25.98 18.97 14.25
CA ARG A 236 24.84 19.73 13.76
C ARG A 236 24.77 21.07 14.49
N PRO A 237 24.52 22.17 13.73
CA PRO A 237 24.59 23.51 14.30
C PRO A 237 23.50 23.73 15.34
N HIS A 238 22.29 23.18 15.10
CA HIS A 238 21.13 23.40 15.96
C HIS A 238 20.03 22.36 15.76
N LEU A 239 19.18 22.22 16.76
CA LEU A 239 17.96 21.43 16.64
C LEU A 239 16.83 22.36 16.28
N THR A 240 16.18 22.11 15.15
CA THR A 240 14.92 22.77 14.79
C THR A 240 13.78 22.13 15.59
N VAL A 241 13.08 22.94 16.41
CA VAL A 241 11.90 22.46 17.11
C VAL A 241 10.65 22.62 16.23
N PHE A 242 10.05 21.50 15.85
CA PHE A 242 8.93 21.52 14.92
C PHE A 242 7.62 21.74 15.66
N GLY A 243 7.34 23.00 16.00
CA GLY A 243 6.07 23.35 16.63
C GLY A 243 6.26 23.90 18.05
N THR A 244 5.76 25.11 18.27
CA THR A 244 5.77 25.71 19.58
C THR A 244 4.38 26.22 19.93
N ASP A 245 3.39 25.96 19.07
CA ASP A 245 2.04 26.54 19.19
C ASP A 245 1.03 25.46 19.56
N TYR A 246 1.51 24.34 20.09
CA TYR A 246 0.65 23.23 20.44
C TYR A 246 -0.03 23.50 21.78
N LYS A 247 -1.04 22.68 22.10
CA LYS A 247 -1.85 22.89 23.29
C LYS A 247 -1.35 21.89 24.34
N THR A 248 -0.06 22.03 24.63
CA THR A 248 0.65 21.26 25.64
C THR A 248 1.14 22.24 26.69
N LYS A 249 1.75 21.75 27.76
CA LYS A 249 2.07 22.61 28.87
C LYS A 249 3.19 23.59 28.43
N ASP A 250 4.01 23.22 27.45
CA ASP A 250 5.06 24.11 26.98
C ASP A 250 4.90 24.42 25.49
N GLY A 251 3.81 23.95 24.88
CA GLY A 251 3.46 24.29 23.50
C GLY A 251 4.22 23.46 22.48
N THR A 252 4.84 22.39 22.96
CA THR A 252 5.70 21.59 22.10
C THR A 252 5.04 20.22 22.05
N ALA A 253 5.34 19.43 21.00
CA ALA A 253 4.68 18.15 20.79
C ALA A 253 5.08 17.16 21.88
N VAL A 254 4.12 16.30 22.27
CA VAL A 254 4.30 15.36 23.36
C VAL A 254 4.26 13.93 22.80
N ARG A 255 5.29 13.15 23.18
CA ARG A 255 5.50 11.81 22.67
C ARG A 255 5.78 10.84 23.82
N ASP A 256 5.70 9.53 23.50
CA ASP A 256 6.00 8.47 24.44
C ASP A 256 7.34 7.85 24.04
N TYR A 257 8.35 8.15 24.85
CA TYR A 257 9.74 7.73 24.60
C TYR A 257 10.04 6.54 25.51
N ILE A 258 10.57 5.49 24.86
CA ILE A 258 10.84 4.21 25.46
C ILE A 258 12.33 3.88 25.26
N HIS A 259 12.94 3.24 26.25
CA HIS A 259 14.32 2.82 26.08
C HIS A 259 14.35 1.74 25.00
N VAL A 260 15.25 1.93 24.03
CA VAL A 260 15.41 0.94 22.98
C VAL A 260 15.72 -0.42 23.59
N MET A 261 16.34 -0.46 24.76
CA MET A 261 16.70 -1.74 25.35
C MET A 261 15.44 -2.45 25.86
N ASP A 262 14.47 -1.68 26.36
CA ASP A 262 13.18 -2.20 26.79
C ASP A 262 12.33 -2.56 25.57
N LEU A 263 12.46 -1.78 24.50
CA LEU A 263 11.77 -2.14 23.27
C LEU A 263 12.25 -3.52 22.82
N ALA A 264 13.58 -3.76 22.95
CA ALA A 264 14.14 -4.98 22.40
C ALA A 264 13.62 -6.18 23.19
N ASP A 265 13.54 -6.06 24.53
CA ASP A 265 12.99 -7.12 25.39
C ASP A 265 11.53 -7.41 25.01
N GLY A 266 10.82 -6.40 24.50
CA GLY A 266 9.46 -6.59 24.03
C GLY A 266 9.40 -7.55 22.84
N HIS A 267 10.45 -7.57 22.03
CA HIS A 267 10.50 -8.49 20.91
C HIS A 267 10.60 -9.93 21.43
N ILE A 268 11.43 -10.15 22.45
CA ILE A 268 11.57 -11.46 23.08
C ILE A 268 10.21 -11.90 23.64
N ALA A 269 9.50 -10.96 24.25
CA ALA A 269 8.18 -11.22 24.80
C ALA A 269 7.19 -11.62 23.68
N ALA A 270 7.28 -10.90 22.55
CA ALA A 270 6.48 -11.16 21.34
C ALA A 270 6.76 -12.53 20.71
N LEU A 271 8.04 -12.92 20.60
CA LEU A 271 8.40 -14.23 20.06
C LEU A 271 7.83 -15.37 20.91
N ARG A 272 7.94 -15.24 22.24
CA ARG A 272 7.38 -16.22 23.16
C ARG A 272 5.88 -16.30 22.95
N LYS A 273 5.25 -15.14 22.88
CA LYS A 273 3.82 -15.05 22.70
C LYS A 273 3.38 -15.75 21.40
N LEU A 274 4.22 -15.71 20.39
CA LEU A 274 3.90 -16.24 19.08
C LEU A 274 3.63 -17.73 19.16
N ASP A 275 4.10 -18.36 20.24
CA ASP A 275 3.92 -19.79 20.41
C ASP A 275 2.64 -20.08 21.20
N ASP A 276 1.59 -19.30 20.95
CA ASP A 276 0.34 -19.44 21.65
C ASP A 276 -0.73 -19.74 20.61
N LEU A 277 -1.64 -20.64 20.98
CA LEU A 277 -2.60 -21.25 20.06
C LEU A 277 -3.50 -20.15 19.48
N LYS A 278 -4.17 -19.42 20.38
CA LYS A 278 -5.27 -18.52 20.05
C LYS A 278 -4.75 -17.15 19.61
N ILE A 279 -3.66 -17.16 18.83
CA ILE A 279 -3.08 -15.97 18.24
C ILE A 279 -3.23 -16.09 16.73
N SER A 280 -3.30 -14.94 16.05
CA SER A 280 -3.42 -14.98 14.61
C SER A 280 -2.92 -13.69 13.99
N CYS A 281 -3.39 -12.54 14.50
CA CYS A 281 -2.91 -11.24 14.07
C CYS A 281 -3.24 -10.19 15.12
N GLU A 282 -2.34 -9.96 16.07
CA GLU A 282 -2.56 -9.10 17.23
C GLU A 282 -1.67 -7.87 17.15
N VAL A 283 -2.22 -6.72 17.56
CA VAL A 283 -1.49 -5.50 17.83
C VAL A 283 -1.14 -5.42 19.30
N TYR A 284 0.13 -5.08 19.58
CA TYR A 284 0.54 -4.68 20.92
C TYR A 284 1.28 -3.34 20.86
N ASN A 285 0.89 -2.40 21.72
CA ASN A 285 1.70 -1.20 21.92
C ASN A 285 2.96 -1.54 22.69
N LEU A 286 4.09 -0.95 22.26
CA LEU A 286 5.30 -0.92 23.08
C LEU A 286 5.64 0.54 23.35
N GLY A 287 5.05 1.05 24.45
CA GLY A 287 5.38 2.36 24.99
C GLY A 287 5.61 2.28 26.49
N THR A 288 5.86 3.44 27.11
CA THR A 288 5.95 3.56 28.56
C THR A 288 4.62 3.98 29.14
N GLY A 289 3.81 4.71 28.38
CA GLY A 289 2.56 5.21 28.91
C GLY A 289 2.68 6.64 29.44
N ASN A 290 3.90 7.20 29.43
CA ASN A 290 4.10 8.57 29.87
C ASN A 290 4.38 9.44 28.66
N GLY A 291 3.85 10.66 28.70
CA GLY A 291 4.13 11.68 27.69
C GLY A 291 5.25 12.63 28.12
N THR A 292 6.07 13.03 27.16
CA THR A 292 7.14 14.00 27.37
C THR A 292 7.17 14.98 26.20
N SER A 293 7.14 16.29 26.51
CA SER A 293 7.31 17.33 25.50
C SER A 293 8.70 17.25 24.87
N VAL A 294 8.83 17.84 23.68
CA VAL A 294 10.09 17.97 22.97
C VAL A 294 11.10 18.75 23.80
N LEU A 295 10.63 19.79 24.49
CA LEU A 295 11.52 20.61 25.30
C LEU A 295 11.92 19.87 26.59
N GLU A 296 11.02 19.08 27.18
CA GLU A 296 11.43 18.22 28.28
C GLU A 296 12.51 17.21 27.84
N MET A 297 12.46 16.70 26.60
CA MET A 297 13.47 15.72 26.24
C MET A 297 14.79 16.44 26.04
N VAL A 298 14.75 17.64 25.41
CA VAL A 298 15.95 18.43 25.23
C VAL A 298 16.54 18.84 26.58
N ALA A 299 15.70 19.27 27.54
CA ALA A 299 16.19 19.57 28.87
C ALA A 299 16.82 18.33 29.52
N ALA A 300 16.25 17.12 29.36
CA ALA A 300 16.77 15.96 30.05
C ALA A 300 18.11 15.52 29.45
N PHE A 301 18.24 15.70 28.14
CA PHE A 301 19.50 15.40 27.49
C PHE A 301 20.58 16.38 27.93
N GLU A 302 20.23 17.66 28.04
CA GLU A 302 21.18 18.68 28.46
C GLU A 302 21.71 18.32 29.86
N LYS A 303 20.84 17.81 30.74
CA LYS A 303 21.25 17.39 32.08
C LYS A 303 22.18 16.18 31.97
N ALA A 304 21.82 15.20 31.14
CA ALA A 304 22.67 14.01 31.03
C ALA A 304 24.06 14.35 30.49
N SER A 305 24.15 15.31 29.56
CA SER A 305 25.36 15.50 28.79
C SER A 305 26.19 16.70 29.26
N GLY A 306 25.53 17.71 29.81
CA GLY A 306 26.19 18.97 30.10
C GLY A 306 26.36 19.85 28.86
N LYS A 307 25.62 19.58 27.78
CA LYS A 307 25.76 20.40 26.58
C LYS A 307 24.51 21.26 26.40
N LYS A 308 24.73 22.42 25.78
CA LYS A 308 23.68 23.31 25.33
C LYS A 308 23.29 22.86 23.93
N ILE A 309 21.98 22.88 23.66
CA ILE A 309 21.45 22.54 22.35
C ILE A 309 20.79 23.80 21.79
N PRO A 310 21.44 24.55 20.89
CA PRO A 310 20.78 25.68 20.26
C PRO A 310 19.52 25.18 19.55
N LEU A 311 18.44 25.95 19.71
CA LEU A 311 17.13 25.58 19.20
C LEU A 311 16.67 26.68 18.26
N VAL A 312 16.29 26.26 17.05
CA VAL A 312 15.48 27.07 16.15
C VAL A 312 14.02 26.67 16.35
N MET A 313 13.20 27.60 16.84
CA MET A 313 11.76 27.39 16.91
C MET A 313 11.17 27.51 15.51
N ALA A 314 10.62 26.42 14.95
CA ALA A 314 9.94 26.47 13.65
C ALA A 314 8.49 25.97 13.74
N GLY A 315 7.85 25.87 12.57
CA GLY A 315 6.46 25.46 12.49
C GLY A 315 6.29 23.96 12.70
N ARG A 316 5.04 23.51 12.78
CA ARG A 316 4.72 22.09 12.88
C ARG A 316 5.23 21.35 11.64
N ARG A 317 5.59 20.08 11.84
CA ARG A 317 5.96 19.23 10.73
C ARG A 317 4.66 18.66 10.12
N PRO A 318 4.50 18.70 8.78
CA PRO A 318 3.46 17.92 8.09
C PRO A 318 3.13 16.56 8.70
N GLY A 319 1.99 16.49 9.39
CA GLY A 319 1.45 15.21 9.79
C GLY A 319 1.56 14.97 11.30
N ASP A 320 2.51 15.64 11.96
CA ASP A 320 2.75 15.47 13.38
C ASP A 320 1.45 15.55 14.17
N ALA A 321 1.38 14.71 15.21
CA ALA A 321 0.32 14.69 16.20
C ALA A 321 0.66 15.63 17.35
N GLU A 322 -0.37 16.14 18.02
CA GLU A 322 -0.22 17.00 19.18
C GLU A 322 0.30 16.16 20.37
N VAL A 323 -0.42 15.11 20.73
CA VAL A 323 -0.13 14.31 21.91
C VAL A 323 -0.37 12.84 21.58
N VAL A 324 0.63 12.01 21.90
CA VAL A 324 0.57 10.58 21.61
C VAL A 324 1.34 9.87 22.71
N TYR A 325 0.66 9.02 23.47
CA TYR A 325 1.34 8.11 24.35
C TYR A 325 0.54 6.83 24.44
N ALA A 326 1.17 5.77 24.94
CA ALA A 326 0.61 4.42 24.85
C ALA A 326 -0.26 4.11 26.04
N SER A 327 -1.27 3.27 25.78
CA SER A 327 -1.81 2.35 26.76
C SER A 327 -0.89 1.14 26.87
N THR A 328 -0.42 0.85 28.07
CA THR A 328 0.49 -0.26 28.30
C THR A 328 -0.30 -1.46 28.81
N GLU A 329 -1.59 -1.26 29.08
CA GLU A 329 -2.37 -2.24 29.78
C GLU A 329 -2.28 -3.60 29.08
N LYS A 330 -2.55 -3.65 27.77
CA LYS A 330 -2.63 -4.91 27.05
C LYS A 330 -1.28 -5.62 26.92
N ALA A 331 -0.23 -4.87 26.63
CA ALA A 331 1.09 -5.46 26.61
C ALA A 331 1.48 -5.98 28.00
N GLU A 332 1.02 -5.33 29.09
CA GLU A 332 1.31 -5.81 30.43
C GLU A 332 0.65 -7.18 30.64
N ARG A 333 -0.64 -7.28 30.28
CA ARG A 333 -1.45 -8.44 30.58
C ARG A 333 -1.07 -9.63 29.69
N GLU A 334 -0.82 -9.39 28.40
CA GLU A 334 -0.68 -10.46 27.44
C GLU A 334 0.78 -10.77 27.12
N LEU A 335 1.71 -9.80 27.25
CA LEU A 335 3.12 -10.06 26.93
C LEU A 335 3.95 -10.20 28.20
N ASN A 336 3.39 -9.78 29.34
CA ASN A 336 4.09 -9.84 30.61
C ASN A 336 5.32 -8.95 30.56
N TRP A 337 5.16 -7.79 29.92
CA TRP A 337 6.24 -6.90 29.63
C TRP A 337 5.80 -5.47 29.96
N LYS A 338 6.73 -4.74 30.56
CA LYS A 338 6.54 -3.36 30.96
C LYS A 338 7.90 -2.70 30.84
N ALA A 339 7.95 -1.48 30.30
CA ALA A 339 9.21 -0.76 30.19
C ALA A 339 9.76 -0.50 31.58
N LYS A 340 11.06 -0.76 31.77
CA LYS A 340 11.74 -0.63 33.05
C LYS A 340 12.55 0.66 33.17
N ASN A 341 12.95 1.30 32.06
CA ASN A 341 13.78 2.51 32.10
C ASN A 341 12.94 3.79 31.92
N GLY A 342 13.33 4.82 32.68
CA GLY A 342 12.74 6.14 32.60
C GLY A 342 13.58 7.08 31.73
N ILE A 343 13.05 8.29 31.54
CA ILE A 343 13.70 9.33 30.74
C ILE A 343 15.18 9.53 31.11
N GLU A 344 15.51 9.56 32.42
CA GLU A 344 16.88 9.88 32.85
C GLU A 344 17.80 8.79 32.30
N GLU A 345 17.31 7.53 32.33
CA GLU A 345 18.10 6.39 31.92
C GLU A 345 18.31 6.40 30.41
N MET A 346 17.23 6.71 29.66
CA MET A 346 17.28 6.91 28.22
C MET A 346 18.40 7.91 27.86
N CYS A 347 18.44 9.07 28.54
CA CYS A 347 19.35 10.13 28.17
C CYS A 347 20.76 9.81 28.65
N ARG A 348 20.89 9.10 29.78
CA ARG A 348 22.16 8.66 30.30
C ARG A 348 22.88 7.73 29.31
N ASP A 349 22.16 6.79 28.68
CA ASP A 349 22.79 5.81 27.83
C ASP A 349 23.02 6.39 26.44
N LEU A 350 22.08 7.20 25.97
CA LEU A 350 22.30 7.95 24.75
C LEU A 350 23.64 8.67 24.87
N TRP A 351 23.81 9.40 25.97
CA TRP A 351 24.99 10.22 26.13
C TRP A 351 26.24 9.37 26.36
N ASN A 352 26.05 8.23 27.02
CA ASN A 352 27.17 7.34 27.30
C ASN A 352 27.71 6.80 25.97
N TRP A 353 26.81 6.47 25.05
CA TRP A 353 27.19 6.03 23.72
C TRP A 353 27.81 7.15 22.90
N ALA A 354 27.25 8.35 22.96
CA ALA A 354 27.57 9.41 22.01
C ALA A 354 28.90 10.06 22.35
N SER A 355 29.05 10.43 23.63
CA SER A 355 30.29 11.02 24.13
C SER A 355 31.50 10.31 23.56
N ASN A 356 31.46 8.97 23.57
CA ASN A 356 32.59 8.18 23.14
C ASN A 356 32.58 7.84 21.65
N ASN A 357 31.40 7.85 21.00
CA ASN A 357 31.30 7.56 19.59
C ASN A 357 30.54 8.72 18.94
N PRO A 358 31.10 9.96 18.99
CA PRO A 358 30.37 11.16 18.55
C PRO A 358 29.90 11.17 17.09
N TYR A 359 30.60 10.43 16.21
CA TYR A 359 30.23 10.33 14.81
CA TYR A 359 30.29 10.32 14.80
C TYR A 359 29.92 8.87 14.50
N GLY A 360 29.40 8.16 15.50
CA GLY A 360 28.97 6.78 15.34
C GLY A 360 30.16 5.85 15.20
N TYR A 361 29.88 4.65 14.72
CA TYR A 361 30.88 3.74 14.22
C TYR A 361 31.73 4.53 13.21
N ASN A 362 33.04 4.61 13.43
CA ASN A 362 33.78 5.75 12.89
C ASN A 362 33.89 5.66 11.36
N SER B 24 0.10 11.80 -28.07
CA SER B 24 0.82 10.51 -27.77
C SER B 24 0.64 10.02 -26.32
N VAL B 25 0.11 8.81 -26.14
CA VAL B 25 -0.48 8.36 -24.88
C VAL B 25 0.03 6.96 -24.55
N LEU B 26 0.48 6.74 -23.31
CA LEU B 26 0.81 5.38 -22.93
C LEU B 26 -0.40 4.75 -22.26
N VAL B 27 -0.81 3.59 -22.78
CA VAL B 27 -2.00 2.92 -22.25
C VAL B 27 -1.53 1.63 -21.62
N THR B 28 -1.68 1.59 -20.31
CA THR B 28 -1.27 0.45 -19.49
C THR B 28 -2.46 -0.49 -19.48
N GLY B 29 -2.21 -1.80 -19.54
CA GLY B 29 -3.29 -2.77 -19.57
C GLY B 29 -4.33 -2.48 -20.66
N GLY B 30 -3.87 -1.94 -21.81
CA GLY B 30 -4.72 -1.53 -22.92
C GLY B 30 -5.27 -2.66 -23.82
N ALA B 31 -4.68 -3.86 -23.74
CA ALA B 31 -5.23 -5.06 -24.36
C ALA B 31 -6.47 -5.54 -23.60
N GLY B 32 -6.63 -5.07 -22.36
CA GLY B 32 -7.70 -5.51 -21.48
C GLY B 32 -9.04 -5.03 -21.98
N TYR B 33 -10.09 -5.18 -21.17
CA TYR B 33 -11.46 -4.89 -21.55
C TYR B 33 -11.64 -3.40 -21.85
N ILE B 34 -11.56 -2.57 -20.80
CA ILE B 34 -11.88 -1.16 -20.87
C ILE B 34 -10.83 -0.45 -21.73
N GLY B 35 -9.60 -0.98 -21.64
CA GLY B 35 -8.44 -0.49 -22.36
C GLY B 35 -8.56 -0.61 -23.86
N SER B 36 -8.79 -1.86 -24.34
CA SER B 36 -9.42 -2.13 -25.63
C SER B 36 -10.19 -0.89 -26.12
N HIS B 37 -11.27 -0.58 -25.42
CA HIS B 37 -12.29 0.27 -25.98
C HIS B 37 -11.77 1.71 -25.99
N THR B 38 -11.03 2.04 -24.93
CA THR B 38 -10.48 3.37 -24.75
C THR B 38 -9.44 3.67 -25.84
N VAL B 39 -8.57 2.69 -26.13
CA VAL B 39 -7.57 2.81 -27.16
C VAL B 39 -8.27 3.16 -28.47
N LEU B 40 -9.25 2.33 -28.83
CA LEU B 40 -10.02 2.58 -30.03
C LEU B 40 -10.52 4.00 -30.03
N GLN B 41 -11.03 4.47 -28.88
CA GLN B 41 -11.54 5.83 -28.85
C GLN B 41 -10.40 6.84 -29.06
N LEU B 42 -9.19 6.57 -28.50
CA LEU B 42 -8.03 7.45 -28.66
C LEU B 42 -7.64 7.54 -30.14
N LEU B 43 -7.32 6.38 -30.71
CA LEU B 43 -7.10 6.21 -32.12
C LEU B 43 -8.14 6.99 -32.93
N GLU B 44 -9.43 6.88 -32.60
CA GLU B 44 -10.46 7.49 -33.42
C GLU B 44 -10.50 8.99 -33.14
N GLY B 45 -9.98 9.44 -31.99
CA GLY B 45 -10.02 10.85 -31.62
C GLY B 45 -8.80 11.64 -32.09
N GLY B 46 -7.92 10.99 -32.87
CA GLY B 46 -6.75 11.67 -33.39
C GLY B 46 -5.46 11.39 -32.60
N TYR B 47 -5.53 10.69 -31.46
CA TYR B 47 -4.35 10.51 -30.64
C TYR B 47 -3.49 9.36 -31.17
N SER B 48 -2.27 9.25 -30.63
CA SER B 48 -1.41 8.09 -30.79
C SER B 48 -1.30 7.34 -29.47
N ALA B 49 -1.09 6.02 -29.54
CA ALA B 49 -1.21 5.16 -28.38
C ALA B 49 -0.10 4.11 -28.42
N VAL B 50 0.62 3.96 -27.29
CA VAL B 50 1.40 2.77 -27.04
C VAL B 50 0.73 2.01 -25.90
N VAL B 51 0.44 0.71 -26.13
CA VAL B 51 -0.11 -0.17 -25.11
C VAL B 51 1.02 -1.00 -24.52
N VAL B 52 1.02 -1.17 -23.20
CA VAL B 52 1.84 -2.16 -22.51
C VAL B 52 0.87 -3.08 -21.77
N ASP B 53 1.12 -4.39 -21.80
CA ASP B 53 0.22 -5.35 -21.20
C ASP B 53 0.93 -6.67 -21.11
N ASN B 54 0.73 -7.39 -20.01
CA ASN B 54 1.44 -8.64 -19.77
C ASN B 54 0.56 -9.84 -20.13
N TYR B 55 -0.71 -9.58 -20.50
CA TYR B 55 -1.62 -10.57 -21.10
C TYR B 55 -2.03 -11.61 -20.06
N ASP B 56 -2.08 -11.14 -18.82
CA ASP B 56 -2.54 -11.91 -17.68
C ASP B 56 -4.02 -12.24 -17.83
N ASN B 57 -4.76 -11.27 -18.38
CA ASN B 57 -6.21 -11.37 -18.54
C ASN B 57 -6.66 -10.80 -19.90
N SER B 58 -5.77 -10.85 -20.89
CA SER B 58 -6.11 -10.49 -22.26
C SER B 58 -5.13 -11.18 -23.20
N SER B 59 -5.30 -10.98 -24.50
CA SER B 59 -4.32 -11.42 -25.48
C SER B 59 -4.07 -10.31 -26.49
N ALA B 60 -2.94 -10.42 -27.22
CA ALA B 60 -2.53 -9.48 -28.25
C ALA B 60 -3.64 -9.35 -29.30
N ALA B 61 -4.48 -10.40 -29.40
CA ALA B 61 -5.45 -10.52 -30.48
C ALA B 61 -6.50 -9.42 -30.43
N SER B 62 -6.72 -8.84 -29.26
CA SER B 62 -7.76 -7.85 -29.08
C SER B 62 -7.32 -6.55 -29.73
N LEU B 63 -6.01 -6.30 -29.66
CA LEU B 63 -5.44 -5.06 -30.19
C LEU B 63 -5.27 -5.12 -31.71
N GLN B 64 -5.13 -6.35 -32.25
CA GLN B 64 -5.14 -6.53 -33.69
C GLN B 64 -6.51 -6.09 -34.22
N ARG B 65 -7.58 -6.47 -33.51
CA ARG B 65 -8.94 -6.09 -33.87
C ARG B 65 -9.19 -4.59 -33.67
N VAL B 66 -8.71 -3.99 -32.57
CA VAL B 66 -8.75 -2.54 -32.46
C VAL B 66 -7.97 -1.91 -33.64
N LYS B 67 -6.81 -2.45 -34.04
CA LYS B 67 -6.05 -1.90 -35.13
C LYS B 67 -6.92 -1.78 -36.39
N LYS B 68 -7.45 -2.92 -36.87
CA LYS B 68 -8.27 -2.95 -38.09
C LYS B 68 -9.48 -2.04 -37.97
N LEU B 69 -10.15 -2.14 -36.83
CA LEU B 69 -11.38 -1.40 -36.59
C LEU B 69 -11.13 0.10 -36.63
N ALA B 70 -9.89 0.52 -36.32
CA ALA B 70 -9.51 1.91 -36.20
C ALA B 70 -9.12 2.50 -37.57
N GLY B 71 -8.96 1.65 -38.58
CA GLY B 71 -8.85 2.10 -39.96
C GLY B 71 -7.55 2.83 -40.24
N GLU B 72 -7.64 4.08 -40.71
CA GLU B 72 -6.48 4.88 -41.05
C GLU B 72 -5.66 5.10 -39.76
N ASN B 73 -6.38 5.45 -38.69
CA ASN B 73 -5.74 5.81 -37.43
C ASN B 73 -4.96 4.66 -36.81
N GLY B 74 -5.29 3.42 -37.23
CA GLY B 74 -4.65 2.23 -36.71
C GLY B 74 -3.13 2.23 -36.91
N ASN B 75 -2.61 3.11 -37.79
CA ASN B 75 -1.18 3.24 -37.99
C ASN B 75 -0.49 3.88 -36.80
N ARG B 76 -1.28 4.48 -35.92
CA ARG B 76 -0.78 5.25 -34.80
C ARG B 76 -0.88 4.42 -33.52
N LEU B 77 -1.15 3.11 -33.63
CA LEU B 77 -1.16 2.22 -32.48
C LEU B 77 0.05 1.30 -32.53
N SER B 78 0.62 1.06 -31.36
CA SER B 78 1.78 0.23 -31.20
C SER B 78 1.68 -0.46 -29.83
N PHE B 79 2.06 -1.74 -29.72
CA PHE B 79 1.83 -2.47 -28.46
C PHE B 79 2.94 -3.46 -28.16
N HIS B 80 3.14 -3.67 -26.84
CA HIS B 80 4.24 -4.46 -26.34
C HIS B 80 3.79 -5.28 -25.13
N GLN B 81 4.44 -6.44 -24.98
CA GLN B 81 4.18 -7.36 -23.90
C GLN B 81 5.17 -7.03 -22.79
N VAL B 82 4.67 -6.26 -21.82
CA VAL B 82 5.49 -5.75 -20.74
C VAL B 82 4.68 -5.90 -19.47
N ASP B 83 5.32 -6.42 -18.42
CA ASP B 83 4.80 -6.28 -17.07
C ASP B 83 5.32 -4.97 -16.49
N LEU B 84 4.41 -4.17 -15.94
CA LEU B 84 4.76 -2.90 -15.29
C LEU B 84 5.87 -3.11 -14.26
N ARG B 85 5.96 -4.30 -13.69
CA ARG B 85 6.97 -4.63 -12.69
C ARG B 85 8.33 -4.93 -13.30
N ASP B 86 8.36 -5.22 -14.62
CA ASP B 86 9.61 -5.35 -15.33
C ASP B 86 10.09 -3.94 -15.63
N ARG B 87 10.88 -3.37 -14.72
CA ARG B 87 11.32 -1.98 -14.81
C ARG B 87 12.20 -1.74 -16.05
N PRO B 88 13.24 -2.56 -16.35
CA PRO B 88 13.96 -2.36 -17.60
C PRO B 88 13.01 -2.39 -18.79
N ALA B 89 12.06 -3.33 -18.84
CA ALA B 89 11.19 -3.44 -20.01
C ALA B 89 10.35 -2.18 -20.18
N LEU B 90 9.93 -1.57 -19.07
CA LEU B 90 9.09 -0.41 -19.08
C LEU B 90 9.92 0.82 -19.43
N GLU B 91 11.15 0.91 -18.87
CA GLU B 91 12.10 1.96 -19.23
C GLU B 91 12.37 1.99 -20.73
N LYS B 92 12.60 0.82 -21.35
CA LYS B 92 12.77 0.73 -22.79
C LYS B 92 11.61 1.44 -23.49
N ILE B 93 10.37 1.27 -23.00
CA ILE B 93 9.19 1.85 -23.64
C ILE B 93 9.21 3.37 -23.66
N PHE B 94 9.50 4.00 -22.50
CA PHE B 94 9.55 5.44 -22.35
C PHE B 94 10.80 6.06 -22.98
N SER B 95 11.84 5.24 -23.15
CA SER B 95 12.98 5.65 -23.93
C SER B 95 12.57 6.04 -25.33
N GLU B 96 11.86 5.16 -26.04
CA GLU B 96 11.70 5.40 -27.46
C GLU B 96 10.47 6.25 -27.77
N THR B 97 9.75 6.75 -26.76
CA THR B 97 8.62 7.64 -27.02
C THR B 97 8.37 8.61 -25.87
N LYS B 98 8.08 9.85 -26.24
CA LYS B 98 7.66 10.90 -25.33
C LYS B 98 6.15 10.76 -25.13
N PHE B 99 5.76 10.67 -23.87
CA PHE B 99 4.34 10.53 -23.57
C PHE B 99 3.89 11.87 -23.03
N ASP B 100 2.74 12.32 -23.57
CA ASP B 100 1.98 13.46 -23.06
C ASP B 100 1.19 13.01 -21.85
N ALA B 101 0.78 11.72 -21.82
CA ALA B 101 -0.01 11.17 -20.73
C ALA B 101 0.06 9.66 -20.70
N VAL B 102 -0.08 9.14 -19.47
CA VAL B 102 -0.26 7.72 -19.21
C VAL B 102 -1.70 7.50 -18.74
N ILE B 103 -2.34 6.51 -19.34
CA ILE B 103 -3.59 6.01 -18.84
C ILE B 103 -3.32 4.62 -18.28
N HIS B 104 -3.67 4.46 -17.00
CA HIS B 104 -3.19 3.31 -16.26
C HIS B 104 -4.31 2.33 -15.90
N PHE B 105 -4.55 1.31 -16.74
CA PHE B 105 -5.61 0.32 -16.54
C PHE B 105 -5.13 -1.03 -15.96
N ALA B 106 -3.88 -1.39 -16.20
CA ALA B 106 -3.24 -2.58 -15.66
C ALA B 106 -3.56 -2.82 -14.18
N GLY B 107 -4.03 -4.03 -13.90
CA GLY B 107 -4.12 -4.56 -12.55
C GLY B 107 -5.02 -5.80 -12.51
N LEU B 108 -5.03 -6.49 -11.37
CA LEU B 108 -6.04 -7.48 -11.07
C LEU B 108 -7.20 -6.73 -10.41
N LYS B 109 -8.43 -7.24 -10.64
CA LYS B 109 -9.63 -6.44 -10.43
C LYS B 109 -10.76 -7.24 -9.80
N ALA B 110 -10.47 -8.43 -9.27
CA ALA B 110 -11.53 -9.30 -8.80
C ALA B 110 -11.62 -9.29 -7.28
N VAL B 111 -12.73 -8.78 -6.73
CA VAL B 111 -12.92 -8.70 -5.27
C VAL B 111 -12.71 -10.06 -4.61
N GLY B 112 -13.32 -11.11 -5.18
CA GLY B 112 -13.32 -12.45 -4.60
C GLY B 112 -11.96 -13.13 -4.69
N GLU B 113 -11.29 -13.01 -5.83
CA GLU B 113 -9.94 -13.53 -5.98
C GLU B 113 -9.03 -12.87 -4.93
N SER B 114 -9.16 -11.54 -4.82
CA SER B 114 -8.53 -10.68 -3.81
C SER B 114 -8.47 -11.30 -2.40
N VAL B 115 -9.65 -11.66 -1.89
CA VAL B 115 -9.77 -12.08 -0.50
C VAL B 115 -8.96 -13.36 -0.29
N GLU B 116 -9.04 -14.28 -1.26
CA GLU B 116 -8.24 -15.50 -1.26
C GLU B 116 -6.73 -15.27 -1.49
N LYS B 117 -6.33 -14.29 -2.35
CA LYS B 117 -4.95 -14.16 -2.79
C LYS B 117 -4.47 -12.73 -2.56
N PRO B 118 -4.38 -12.28 -1.29
CA PRO B 118 -4.05 -10.89 -1.01
C PRO B 118 -2.66 -10.48 -1.50
N LEU B 119 -1.62 -11.30 -1.30
CA LEU B 119 -0.28 -10.92 -1.73
C LEU B 119 -0.26 -10.71 -3.25
N LEU B 120 -0.79 -11.71 -3.98
CA LEU B 120 -0.81 -11.56 -5.44
C LEU B 120 -1.27 -10.14 -5.78
N TYR B 121 -2.37 -9.68 -5.17
CA TYR B 121 -2.99 -8.43 -5.54
C TYR B 121 -2.15 -7.22 -5.12
N TYR B 122 -1.55 -7.26 -3.92
CA TYR B 122 -0.70 -6.15 -3.51
C TYR B 122 0.58 -6.16 -4.31
N ASN B 123 1.06 -7.36 -4.65
CA ASN B 123 2.19 -7.45 -5.55
C ASN B 123 1.89 -6.72 -6.87
N ASN B 124 0.83 -7.15 -7.56
CA ASN B 124 0.67 -6.78 -8.95
C ASN B 124 0.24 -5.32 -9.04
N ASN B 125 -0.74 -4.94 -8.23
CA ASN B 125 -1.33 -3.63 -8.33
C ASN B 125 -0.38 -2.56 -7.78
N ILE B 126 0.15 -2.79 -6.58
CA ILE B 126 0.94 -1.76 -5.95
C ILE B 126 2.34 -1.76 -6.53
N VAL B 127 2.97 -2.94 -6.68
CA VAL B 127 4.34 -2.95 -7.20
C VAL B 127 4.35 -2.46 -8.65
N GLY B 128 3.53 -3.06 -9.52
CA GLY B 128 3.36 -2.56 -10.87
C GLY B 128 3.15 -1.04 -10.92
N THR B 129 2.24 -0.50 -10.10
CA THR B 129 1.91 0.90 -10.21
C THR B 129 3.06 1.75 -9.65
N VAL B 130 3.62 1.34 -8.51
CA VAL B 130 4.72 2.14 -7.99
C VAL B 130 5.85 2.18 -9.01
N THR B 131 6.11 1.07 -9.71
CA THR B 131 7.17 1.08 -10.70
C THR B 131 6.80 2.06 -11.83
N LEU B 132 5.54 2.04 -12.27
CA LEU B 132 5.11 2.89 -13.36
C LEU B 132 5.26 4.37 -13.00
N LEU B 133 4.81 4.75 -11.81
CA LEU B 133 4.96 6.12 -11.33
C LEU B 133 6.44 6.50 -11.29
N GLU B 134 7.31 5.59 -10.79
CA GLU B 134 8.73 5.90 -10.69
C GLU B 134 9.31 6.20 -12.08
N VAL B 135 9.12 5.28 -13.05
CA VAL B 135 9.64 5.41 -14.42
C VAL B 135 9.09 6.67 -15.09
N MET B 136 7.78 6.89 -14.97
CA MET B 136 7.12 8.08 -15.47
C MET B 136 7.89 9.33 -15.05
N ALA B 137 8.16 9.47 -13.74
CA ALA B 137 8.87 10.64 -13.22
C ALA B 137 10.28 10.70 -13.80
N GLN B 138 10.95 9.55 -13.83
CA GLN B 138 12.30 9.46 -14.33
C GLN B 138 12.38 10.05 -15.75
N TYR B 139 11.33 9.84 -16.56
CA TYR B 139 11.35 10.27 -17.95
C TYR B 139 10.48 11.53 -18.14
N GLY B 140 9.99 12.12 -17.04
CA GLY B 140 9.32 13.41 -17.11
C GLY B 140 7.95 13.37 -17.78
N CYS B 141 7.33 12.19 -17.84
CA CYS B 141 5.91 12.12 -18.12
C CYS B 141 5.14 12.10 -16.80
N LYS B 142 4.49 13.22 -16.46
CA LYS B 142 3.86 13.32 -15.16
C LYS B 142 2.41 13.75 -15.31
N ASN B 143 1.72 13.27 -16.34
CA ASN B 143 0.27 13.42 -16.36
C ASN B 143 -0.34 12.03 -16.38
N LEU B 144 -1.23 11.76 -15.42
CA LEU B 144 -1.79 10.45 -15.25
C LEU B 144 -3.31 10.52 -15.20
N VAL B 145 -3.98 9.62 -15.94
CA VAL B 145 -5.33 9.19 -15.65
C VAL B 145 -5.23 7.79 -15.04
N PHE B 146 -5.81 7.61 -13.86
CA PHE B 146 -5.68 6.35 -13.11
C PHE B 146 -7.02 5.63 -13.04
N SER B 147 -7.01 4.33 -13.35
CA SER B 147 -8.17 3.49 -13.14
C SER B 147 -8.36 3.24 -11.64
N SER B 148 -9.27 4.02 -11.01
CA SER B 148 -9.71 3.70 -9.65
C SER B 148 -11.06 2.99 -9.75
N SER B 149 -11.70 2.75 -8.60
CA SER B 149 -12.87 1.88 -8.53
C SER B 149 -13.83 2.35 -7.42
N ALA B 150 -15.14 2.22 -7.68
CA ALA B 150 -16.20 2.46 -6.69
C ALA B 150 -15.99 1.65 -5.42
N THR B 151 -15.17 0.61 -5.53
CA THR B 151 -14.78 -0.23 -4.42
C THR B 151 -14.11 0.56 -3.27
N VAL B 152 -13.56 1.73 -3.57
CA VAL B 152 -12.92 2.53 -2.55
C VAL B 152 -13.97 3.07 -1.58
N TYR B 153 -15.26 3.04 -1.98
CA TYR B 153 -16.36 3.40 -1.09
C TYR B 153 -16.66 2.27 -0.11
N GLY B 154 -15.99 1.11 -0.25
CA GLY B 154 -16.28 -0.07 0.55
C GLY B 154 -17.77 -0.38 0.58
N TRP B 155 -18.34 -0.39 1.78
CA TRP B 155 -19.77 -0.60 2.01
C TRP B 155 -20.38 0.78 2.26
N PRO B 156 -21.00 1.46 1.25
CA PRO B 156 -21.45 2.84 1.45
C PRO B 156 -22.55 2.92 2.51
N LYS B 157 -22.48 3.99 3.32
CA LYS B 157 -23.49 4.39 4.28
C LYS B 157 -24.57 5.27 3.62
N GLU B 158 -24.24 5.90 2.49
CA GLU B 158 -25.05 6.97 1.92
C GLU B 158 -25.48 6.58 0.51
N VAL B 159 -26.70 7.01 0.16
CA VAL B 159 -27.45 6.46 -0.96
C VAL B 159 -26.57 6.44 -2.22
N PRO B 160 -26.36 7.58 -2.97
CA PRO B 160 -25.38 7.66 -4.07
C PRO B 160 -24.02 8.15 -3.59
N CYS B 161 -22.95 7.45 -3.98
CA CYS B 161 -21.60 7.72 -3.48
C CYS B 161 -21.01 8.94 -4.18
N THR B 162 -20.81 10.02 -3.42
CA THR B 162 -20.07 11.18 -3.94
C THR B 162 -18.56 10.98 -3.74
N GLU B 163 -17.81 11.77 -4.51
CA GLU B 163 -16.35 11.77 -4.57
C GLU B 163 -15.76 11.97 -3.18
N GLU B 164 -16.51 12.69 -2.32
CA GLU B 164 -16.03 13.07 -1.00
C GLU B 164 -16.82 12.33 0.08
N SER B 165 -17.76 11.47 -0.30
CA SER B 165 -18.23 10.39 0.57
C SER B 165 -17.02 9.87 1.32
N PRO B 166 -17.23 9.14 2.43
CA PRO B 166 -16.11 8.48 3.11
C PRO B 166 -15.55 7.33 2.25
N ILE B 167 -14.22 7.27 2.21
CA ILE B 167 -13.48 6.27 1.45
C ILE B 167 -12.95 5.25 2.44
N SER B 168 -13.38 3.98 2.29
CA SER B 168 -12.87 2.86 3.09
C SER B 168 -13.17 1.54 2.38
N ALA B 169 -12.15 0.69 2.29
CA ALA B 169 -12.22 -0.53 1.50
C ALA B 169 -12.63 -1.68 2.40
N THR B 170 -12.97 -2.79 1.75
CA THR B 170 -13.62 -3.91 2.40
C THR B 170 -12.87 -5.21 2.10
N ASN B 171 -11.88 -5.14 1.20
CA ASN B 171 -11.26 -6.31 0.60
C ASN B 171 -9.94 -5.85 -0.02
N PRO B 172 -8.94 -6.73 -0.27
CA PRO B 172 -7.63 -6.29 -0.79
C PRO B 172 -7.64 -5.57 -2.16
N TYR B 173 -8.58 -5.86 -3.05
CA TYR B 173 -8.61 -5.15 -4.31
C TYR B 173 -9.01 -3.70 -4.04
N GLY B 174 -10.05 -3.53 -3.22
CA GLY B 174 -10.47 -2.21 -2.76
C GLY B 174 -9.33 -1.42 -2.13
N ARG B 175 -8.49 -2.12 -1.38
CA ARG B 175 -7.41 -1.46 -0.67
C ARG B 175 -6.30 -1.08 -1.63
N THR B 176 -5.99 -1.93 -2.62
CA THR B 176 -4.97 -1.57 -3.59
C THR B 176 -5.36 -0.25 -4.25
N LYS B 177 -6.61 -0.14 -4.71
CA LYS B 177 -7.11 1.05 -5.39
C LYS B 177 -7.11 2.26 -4.46
N LEU B 178 -7.67 2.10 -3.24
CA LEU B 178 -7.62 3.12 -2.19
C LEU B 178 -6.16 3.53 -1.85
N PHE B 179 -5.33 2.54 -1.52
CA PHE B 179 -3.92 2.82 -1.28
C PHE B 179 -3.30 3.58 -2.47
N LEU B 180 -3.54 3.09 -3.71
CA LEU B 180 -2.89 3.67 -4.88
C LEU B 180 -3.37 5.11 -5.13
N GLU B 181 -4.65 5.41 -4.81
CA GLU B 181 -5.13 6.78 -4.89
C GLU B 181 -4.37 7.64 -3.88
N GLU B 182 -4.24 7.16 -2.64
CA GLU B 182 -3.53 7.90 -1.61
C GLU B 182 -2.09 8.10 -2.05
N ILE B 183 -1.51 7.11 -2.75
CA ILE B 183 -0.12 7.20 -3.19
C ILE B 183 0.02 8.27 -4.26
N CYS B 184 -0.96 8.36 -5.16
CA CYS B 184 -0.99 9.40 -6.18
C CYS B 184 -1.16 10.77 -5.54
N ARG B 185 -2.01 10.89 -4.53
CA ARG B 185 -2.13 12.16 -3.84
C ARG B 185 -0.76 12.53 -3.26
N ASP B 186 -0.06 11.58 -2.65
CA ASP B 186 1.25 11.83 -2.09
C ASP B 186 2.26 12.27 -3.14
N VAL B 187 2.18 11.70 -4.35
CA VAL B 187 3.13 12.05 -5.41
C VAL B 187 2.92 13.50 -5.81
N HIS B 188 1.65 13.82 -6.07
CA HIS B 188 1.23 15.14 -6.51
C HIS B 188 1.73 16.19 -5.52
N ARG B 189 1.36 15.99 -4.26
CA ARG B 189 1.75 16.83 -3.15
C ARG B 189 3.27 17.00 -3.07
N SER B 190 4.03 15.92 -3.32
CA SER B 190 5.49 16.00 -3.33
C SER B 190 6.03 16.87 -4.46
N ASP B 191 5.27 16.98 -5.55
CA ASP B 191 5.81 17.43 -6.82
C ASP B 191 4.66 17.91 -7.69
N SER B 192 4.53 19.24 -7.75
CA SER B 192 3.31 19.82 -8.28
C SER B 192 3.39 19.95 -9.79
N GLU B 193 4.43 19.38 -10.40
CA GLU B 193 4.50 19.14 -11.84
C GLU B 193 3.46 18.10 -12.24
N TRP B 194 3.15 17.16 -11.31
CA TRP B 194 2.23 16.09 -11.61
C TRP B 194 0.79 16.62 -11.72
N LYS B 195 0.11 16.06 -12.74
CA LYS B 195 -1.28 16.31 -13.08
C LYS B 195 -1.94 14.93 -13.12
N ILE B 196 -2.85 14.69 -12.18
CA ILE B 196 -3.45 13.37 -12.02
C ILE B 196 -4.97 13.47 -12.03
N ILE B 197 -5.62 12.51 -12.72
CA ILE B 197 -7.05 12.33 -12.54
C ILE B 197 -7.34 10.87 -12.20
N LEU B 198 -8.07 10.69 -11.09
CA LEU B 198 -8.45 9.40 -10.58
C LEU B 198 -9.90 9.18 -10.97
N LEU B 199 -10.16 8.15 -11.79
CA LEU B 199 -11.51 7.87 -12.25
C LEU B 199 -12.00 6.63 -11.48
N ARG B 200 -13.06 6.81 -10.67
CA ARG B 200 -13.67 5.68 -9.99
C ARG B 200 -14.76 5.12 -10.89
N TYR B 201 -14.38 4.11 -11.68
CA TYR B 201 -15.33 3.37 -12.51
C TYR B 201 -16.29 2.62 -11.60
N PHE B 202 -17.58 2.64 -11.91
CA PHE B 202 -18.52 1.79 -11.23
C PHE B 202 -18.41 0.42 -11.88
N ASN B 203 -19.39 0.00 -12.68
CA ASN B 203 -19.38 -1.36 -13.18
C ASN B 203 -19.50 -1.34 -14.71
N PRO B 204 -18.40 -1.13 -15.45
CA PRO B 204 -18.46 -1.12 -16.90
C PRO B 204 -19.03 -2.43 -17.44
N VAL B 205 -19.86 -2.33 -18.48
CA VAL B 205 -20.39 -3.50 -19.17
C VAL B 205 -20.70 -3.10 -20.61
N GLY B 206 -20.91 -4.12 -21.44
CA GLY B 206 -21.23 -3.93 -22.84
C GLY B 206 -20.03 -4.22 -23.74
N ALA B 207 -20.12 -3.69 -24.97
CA ALA B 207 -19.14 -3.88 -26.03
C ALA B 207 -19.30 -2.73 -27.04
N HIS B 208 -18.33 -2.56 -27.93
CA HIS B 208 -18.52 -1.72 -29.11
C HIS B 208 -19.73 -2.25 -29.86
N PRO B 209 -20.60 -1.37 -30.39
CA PRO B 209 -21.85 -1.80 -31.04
C PRO B 209 -21.68 -2.54 -32.36
N SER B 210 -20.53 -2.32 -33.01
CA SER B 210 -20.12 -3.16 -34.12
C SER B 210 -20.15 -4.61 -33.70
N GLY B 211 -19.71 -4.90 -32.46
CA GLY B 211 -19.62 -6.27 -31.99
C GLY B 211 -18.35 -6.93 -32.49
N TYR B 212 -17.43 -6.10 -32.98
CA TYR B 212 -16.16 -6.57 -33.47
C TYR B 212 -15.18 -6.70 -32.30
N ILE B 213 -15.41 -5.92 -31.24
CA ILE B 213 -14.65 -6.03 -30.01
C ILE B 213 -15.62 -6.13 -28.83
N GLY B 214 -15.08 -6.54 -27.68
CA GLY B 214 -15.83 -6.64 -26.44
C GLY B 214 -14.98 -7.22 -25.31
N GLU B 215 -15.62 -7.65 -24.22
CA GLU B 215 -14.94 -8.25 -23.08
C GLU B 215 -14.65 -9.71 -23.38
N ASP B 216 -13.36 -10.09 -23.21
CA ASP B 216 -12.81 -11.39 -23.53
C ASP B 216 -11.75 -11.70 -22.48
N PRO B 217 -12.17 -12.01 -21.24
CA PRO B 217 -11.23 -12.26 -20.15
C PRO B 217 -10.62 -13.63 -20.40
N LEU B 218 -9.37 -13.76 -19.96
CA LEU B 218 -8.72 -15.05 -19.93
C LEU B 218 -8.89 -15.68 -18.55
N GLY B 219 -8.70 -16.99 -18.51
CA GLY B 219 -9.10 -17.81 -17.40
C GLY B 219 -10.61 -17.83 -17.26
N VAL B 220 -11.05 -18.48 -16.19
CA VAL B 220 -12.42 -18.36 -15.70
C VAL B 220 -12.71 -16.89 -15.42
N PRO B 221 -13.82 -16.35 -15.98
CA PRO B 221 -14.19 -14.96 -15.74
C PRO B 221 -14.56 -14.72 -14.29
N ASN B 222 -14.42 -13.45 -13.87
CA ASN B 222 -14.75 -13.08 -12.51
C ASN B 222 -15.93 -12.11 -12.52
N ASN B 223 -15.97 -11.19 -13.49
CA ASN B 223 -17.02 -10.20 -13.51
C ASN B 223 -18.34 -10.85 -13.91
N LEU B 224 -19.42 -10.24 -13.39
CA LEU B 224 -20.78 -10.73 -13.59
C LEU B 224 -21.11 -11.05 -15.05
N MET B 225 -20.94 -10.06 -15.94
CA MET B 225 -21.50 -10.14 -17.28
C MET B 225 -20.63 -10.94 -18.27
N PRO B 226 -19.28 -10.95 -18.21
CA PRO B 226 -18.54 -11.96 -18.95
C PRO B 226 -18.86 -13.39 -18.51
N TYR B 227 -19.18 -13.60 -17.22
CA TYR B 227 -19.64 -14.91 -16.75
C TYR B 227 -20.98 -15.25 -17.37
N VAL B 228 -21.92 -14.30 -17.32
CA VAL B 228 -23.22 -14.46 -17.95
C VAL B 228 -23.05 -14.78 -19.44
N GLN B 229 -22.24 -14.00 -20.18
CA GLN B 229 -22.19 -14.23 -21.62
C GLN B 229 -21.70 -15.65 -21.87
N GLN B 230 -20.76 -16.12 -21.06
CA GLN B 230 -20.17 -17.43 -21.30
C GLN B 230 -21.17 -18.53 -20.97
N VAL B 231 -22.02 -18.30 -19.97
CA VAL B 231 -23.02 -19.32 -19.67
C VAL B 231 -24.01 -19.35 -20.85
N ALA B 232 -24.25 -18.18 -21.44
CA ALA B 232 -25.26 -18.04 -22.49
C ALA B 232 -24.83 -18.78 -23.75
N VAL B 233 -23.53 -19.06 -23.87
CA VAL B 233 -22.93 -19.55 -25.11
C VAL B 233 -22.36 -20.98 -24.91
N GLY B 234 -22.61 -21.62 -23.74
CA GLY B 234 -22.16 -22.99 -23.50
C GLY B 234 -20.81 -23.14 -22.78
N ARG B 235 -20.14 -22.03 -22.42
CA ARG B 235 -18.76 -22.09 -21.96
C ARG B 235 -18.66 -22.30 -20.45
N ARG B 236 -19.76 -22.05 -19.75
CA ARG B 236 -19.84 -22.31 -18.32
C ARG B 236 -21.23 -22.86 -18.05
N PRO B 237 -21.35 -23.79 -17.07
CA PRO B 237 -22.60 -24.52 -16.87
C PRO B 237 -23.72 -23.71 -16.20
N HIS B 238 -23.34 -22.79 -15.29
CA HIS B 238 -24.31 -21.93 -14.60
C HIS B 238 -23.61 -20.66 -14.12
N LEU B 239 -24.41 -19.61 -13.87
CA LEU B 239 -23.98 -18.45 -13.08
C LEU B 239 -24.31 -18.65 -11.61
N THR B 240 -23.28 -18.56 -10.76
CA THR B 240 -23.46 -18.50 -9.32
C THR B 240 -23.84 -17.07 -8.93
N VAL B 241 -25.00 -16.89 -8.30
CA VAL B 241 -25.42 -15.62 -7.76
C VAL B 241 -24.87 -15.50 -6.33
N PHE B 242 -24.14 -14.38 -6.06
CA PHE B 242 -23.45 -14.21 -4.80
C PHE B 242 -24.28 -13.35 -3.87
N GLY B 243 -25.12 -14.05 -3.09
CA GLY B 243 -25.91 -13.46 -2.03
C GLY B 243 -27.36 -13.35 -2.48
N THR B 244 -28.30 -13.60 -1.56
CA THR B 244 -29.72 -13.57 -1.88
C THR B 244 -30.53 -12.92 -0.75
N ASP B 245 -29.87 -12.65 0.38
CA ASP B 245 -30.47 -12.07 1.57
C ASP B 245 -30.13 -10.57 1.74
N TYR B 246 -29.75 -9.87 0.67
CA TYR B 246 -29.37 -8.45 0.77
C TYR B 246 -30.62 -7.63 1.06
N LYS B 247 -30.44 -6.42 1.59
CA LYS B 247 -31.57 -5.57 1.92
C LYS B 247 -31.93 -4.72 0.69
N THR B 248 -32.35 -5.38 -0.40
CA THR B 248 -32.74 -4.75 -1.66
C THR B 248 -34.06 -5.38 -2.13
N LYS B 249 -34.70 -4.84 -3.17
CA LYS B 249 -36.08 -5.25 -3.45
C LYS B 249 -36.17 -6.72 -3.90
N ASP B 250 -35.02 -7.34 -4.29
CA ASP B 250 -35.04 -8.74 -4.71
C ASP B 250 -33.93 -9.57 -4.06
N GLY B 251 -33.16 -9.00 -3.13
CA GLY B 251 -32.25 -9.78 -2.32
C GLY B 251 -30.83 -9.84 -2.90
N THR B 252 -30.69 -9.54 -4.21
CA THR B 252 -29.39 -9.55 -4.84
C THR B 252 -28.79 -8.16 -4.76
N ALA B 253 -27.46 -8.12 -4.86
CA ALA B 253 -26.67 -6.92 -4.70
C ALA B 253 -26.92 -5.98 -5.87
N VAL B 254 -26.73 -4.68 -5.59
CA VAL B 254 -27.06 -3.61 -6.51
C VAL B 254 -25.77 -2.88 -6.89
N ARG B 255 -25.63 -2.63 -8.20
CA ARG B 255 -24.47 -1.93 -8.76
C ARG B 255 -24.91 -0.94 -9.84
N ASP B 256 -24.01 0.02 -10.12
CA ASP B 256 -24.20 1.04 -11.15
C ASP B 256 -23.45 0.53 -12.37
N TYR B 257 -24.21 -0.03 -13.30
CA TYR B 257 -23.66 -0.66 -14.48
C TYR B 257 -23.59 0.39 -15.58
N ILE B 258 -22.41 0.54 -16.20
CA ILE B 258 -22.19 1.62 -17.15
C ILE B 258 -21.56 1.07 -18.43
N HIS B 259 -22.01 1.63 -19.55
CA HIS B 259 -21.61 1.16 -20.86
C HIS B 259 -20.16 1.52 -21.06
N VAL B 260 -19.38 0.50 -21.43
CA VAL B 260 -17.92 0.61 -21.50
C VAL B 260 -17.53 1.71 -22.46
N MET B 261 -18.31 1.88 -23.54
CA MET B 261 -18.11 2.94 -24.52
C MET B 261 -18.31 4.31 -23.86
N ASP B 262 -19.31 4.49 -22.99
CA ASP B 262 -19.40 5.76 -22.28
C ASP B 262 -18.13 5.94 -21.44
N LEU B 263 -17.64 4.85 -20.86
CA LEU B 263 -16.50 4.92 -19.96
C LEU B 263 -15.26 5.34 -20.73
N ALA B 264 -15.07 4.71 -21.90
CA ALA B 264 -14.04 5.10 -22.86
C ALA B 264 -14.07 6.59 -23.10
N ASP B 265 -15.24 7.14 -23.47
CA ASP B 265 -15.39 8.53 -23.86
C ASP B 265 -15.00 9.41 -22.67
N GLY B 266 -15.35 9.01 -21.45
CA GLY B 266 -15.01 9.80 -20.28
C GLY B 266 -13.50 9.88 -20.04
N HIS B 267 -12.75 8.96 -20.65
CA HIS B 267 -11.30 8.99 -20.51
C HIS B 267 -10.73 10.07 -21.42
N ILE B 268 -11.34 10.23 -22.59
CA ILE B 268 -10.91 11.24 -23.53
C ILE B 268 -11.19 12.62 -22.93
N ALA B 269 -12.27 12.71 -22.15
CA ALA B 269 -12.62 13.93 -21.42
C ALA B 269 -11.67 14.15 -20.23
N ALA B 270 -11.28 13.09 -19.53
CA ALA B 270 -10.21 13.17 -18.53
C ALA B 270 -8.94 13.74 -19.16
N LEU B 271 -8.57 13.23 -20.32
CA LEU B 271 -7.39 13.65 -21.07
C LEU B 271 -7.42 15.16 -21.38
N ARG B 272 -8.54 15.66 -21.89
CA ARG B 272 -8.66 17.09 -22.16
C ARG B 272 -8.64 17.89 -20.87
N LYS B 273 -9.17 17.30 -19.79
CA LYS B 273 -9.21 17.97 -18.50
C LYS B 273 -7.80 18.10 -17.92
N LEU B 274 -6.89 17.22 -18.33
CA LEU B 274 -5.58 17.19 -17.71
C LEU B 274 -4.86 18.52 -17.85
N ASP B 275 -4.94 19.18 -19.01
CA ASP B 275 -4.27 20.47 -19.14
C ASP B 275 -5.30 21.60 -19.04
N ASP B 276 -6.21 21.51 -18.07
CA ASP B 276 -7.19 22.57 -17.83
C ASP B 276 -6.75 23.46 -16.67
N LEU B 277 -7.36 24.67 -16.69
CA LEU B 277 -7.24 25.76 -15.73
C LEU B 277 -6.09 25.53 -14.74
N LYS B 278 -6.34 24.72 -13.71
CA LYS B 278 -5.32 24.33 -12.75
C LYS B 278 -5.82 23.05 -12.08
N ILE B 279 -5.60 21.94 -12.80
CA ILE B 279 -5.83 20.61 -12.28
C ILE B 279 -4.54 20.14 -11.61
N SER B 280 -4.75 19.22 -10.65
CA SER B 280 -3.75 18.85 -9.68
C SER B 280 -3.86 17.35 -9.42
N CYS B 281 -4.94 16.97 -8.73
CA CYS B 281 -5.15 15.57 -8.39
C CYS B 281 -6.63 15.28 -8.20
N GLU B 282 -7.42 15.36 -9.29
CA GLU B 282 -8.87 15.43 -9.18
C GLU B 282 -9.46 14.02 -9.25
N VAL B 283 -10.52 13.77 -8.49
CA VAL B 283 -11.19 12.48 -8.58
C VAL B 283 -12.58 12.69 -9.19
N TYR B 284 -12.96 11.75 -10.06
CA TYR B 284 -14.24 11.80 -10.76
C TYR B 284 -14.85 10.42 -10.78
N ASN B 285 -16.13 10.34 -10.39
CA ASN B 285 -16.92 9.13 -10.58
C ASN B 285 -17.32 9.03 -12.06
N LEU B 286 -17.24 7.80 -12.60
CA LEU B 286 -17.78 7.53 -13.92
C LEU B 286 -18.82 6.43 -13.76
N GLY B 287 -20.07 6.85 -13.55
CA GLY B 287 -21.23 5.96 -13.49
C GLY B 287 -22.46 6.59 -14.14
N THR B 288 -23.57 5.85 -14.14
CA THR B 288 -24.83 6.32 -14.71
C THR B 288 -25.72 6.95 -13.64
N GLY B 289 -25.41 6.67 -12.37
CA GLY B 289 -26.24 7.07 -11.25
C GLY B 289 -27.43 6.15 -10.99
N ASN B 290 -27.69 5.10 -11.79
CA ASN B 290 -28.81 4.21 -11.52
C ASN B 290 -28.33 2.84 -11.05
N GLY B 291 -28.96 2.34 -9.99
CA GLY B 291 -28.65 1.03 -9.43
C GLY B 291 -29.51 -0.07 -10.06
N THR B 292 -28.90 -1.23 -10.29
CA THR B 292 -29.53 -2.41 -10.85
C THR B 292 -29.06 -3.62 -10.07
N SER B 293 -29.98 -4.54 -9.80
CA SER B 293 -29.63 -5.77 -9.09
C SER B 293 -28.98 -6.78 -10.04
N VAL B 294 -28.39 -7.82 -9.47
CA VAL B 294 -27.79 -8.86 -10.27
C VAL B 294 -28.88 -9.57 -11.09
N LEU B 295 -30.06 -9.79 -10.50
CA LEU B 295 -31.11 -10.50 -11.19
C LEU B 295 -31.68 -9.63 -12.32
N GLU B 296 -31.69 -8.31 -12.09
CA GLU B 296 -32.22 -7.42 -13.10
C GLU B 296 -31.33 -7.48 -14.33
N MET B 297 -30.01 -7.52 -14.06
CA MET B 297 -29.01 -7.63 -15.10
C MET B 297 -29.17 -8.93 -15.87
N VAL B 298 -29.30 -10.05 -15.14
CA VAL B 298 -29.57 -11.32 -15.77
C VAL B 298 -30.71 -11.14 -16.75
N ALA B 299 -31.82 -10.60 -16.24
CA ALA B 299 -33.11 -10.53 -16.93
C ALA B 299 -32.99 -9.59 -18.12
N ALA B 300 -32.28 -8.49 -17.92
CA ALA B 300 -31.92 -7.63 -19.03
C ALA B 300 -31.19 -8.44 -20.09
N PHE B 301 -30.14 -9.17 -19.69
CA PHE B 301 -29.36 -9.95 -20.64
C PHE B 301 -30.24 -10.98 -21.35
N GLU B 302 -31.21 -11.58 -20.64
CA GLU B 302 -32.04 -12.62 -21.26
C GLU B 302 -33.00 -11.99 -22.27
N LYS B 303 -33.49 -10.79 -21.97
CA LYS B 303 -34.32 -10.05 -22.90
C LYS B 303 -33.54 -9.82 -24.19
N ALA B 304 -32.29 -9.36 -24.07
CA ALA B 304 -31.48 -9.02 -25.23
C ALA B 304 -31.06 -10.27 -25.99
N SER B 305 -30.79 -11.35 -25.25
CA SER B 305 -30.20 -12.55 -25.85
C SER B 305 -31.26 -13.58 -26.25
N GLY B 306 -32.41 -13.62 -25.58
CA GLY B 306 -33.35 -14.71 -25.78
C GLY B 306 -32.88 -16.04 -25.18
N LYS B 307 -31.68 -16.06 -24.57
CA LYS B 307 -31.15 -17.26 -23.93
C LYS B 307 -31.52 -17.21 -22.46
N LYS B 308 -31.61 -18.39 -21.83
CA LYS B 308 -31.98 -18.55 -20.42
C LYS B 308 -30.74 -18.95 -19.63
N ILE B 309 -30.48 -18.26 -18.52
CA ILE B 309 -29.26 -18.48 -17.75
C ILE B 309 -29.58 -19.36 -16.53
N PRO B 310 -29.03 -20.58 -16.42
CA PRO B 310 -29.16 -21.34 -15.18
C PRO B 310 -28.42 -20.64 -14.02
N LEU B 311 -29.04 -20.63 -12.85
CA LEU B 311 -28.61 -19.90 -11.68
C LEU B 311 -28.43 -20.87 -10.51
N VAL B 312 -27.28 -20.79 -9.85
CA VAL B 312 -27.09 -21.33 -8.51
C VAL B 312 -27.07 -20.14 -7.56
N MET B 313 -27.93 -20.17 -6.53
CA MET B 313 -27.96 -19.16 -5.48
C MET B 313 -26.97 -19.55 -4.38
N ALA B 314 -26.02 -18.65 -4.06
CA ALA B 314 -24.99 -18.95 -3.08
C ALA B 314 -24.96 -17.84 -2.05
N GLY B 315 -24.02 -17.93 -1.12
CA GLY B 315 -23.88 -16.96 -0.06
C GLY B 315 -23.21 -15.71 -0.60
N ARG B 316 -23.15 -14.67 0.24
CA ARG B 316 -22.51 -13.42 -0.13
C ARG B 316 -21.05 -13.69 -0.45
N ARG B 317 -20.53 -13.03 -1.49
CA ARG B 317 -19.13 -13.13 -1.85
C ARG B 317 -18.35 -12.26 -0.86
N PRO B 318 -17.33 -12.83 -0.17
CA PRO B 318 -16.48 -12.06 0.73
C PRO B 318 -16.03 -10.78 0.04
N GLY B 319 -16.32 -9.65 0.71
CA GLY B 319 -15.83 -8.35 0.28
C GLY B 319 -16.86 -7.48 -0.46
N ASP B 320 -18.10 -7.94 -0.68
CA ASP B 320 -19.03 -7.18 -1.52
C ASP B 320 -19.81 -6.17 -0.71
N ALA B 321 -19.97 -4.99 -1.29
CA ALA B 321 -20.95 -4.01 -0.86
C ALA B 321 -22.33 -4.45 -1.33
N GLU B 322 -23.37 -3.83 -0.75
CA GLU B 322 -24.75 -4.24 -0.92
C GLU B 322 -25.41 -3.40 -2.00
N VAL B 323 -25.38 -2.08 -1.80
CA VAL B 323 -25.78 -1.09 -2.79
C VAL B 323 -24.64 -0.11 -3.02
N VAL B 324 -24.30 0.10 -4.29
CA VAL B 324 -23.29 1.07 -4.71
C VAL B 324 -23.80 1.71 -6.01
N TYR B 325 -23.84 3.04 -6.10
CA TYR B 325 -24.03 3.70 -7.39
C TYR B 325 -23.54 5.15 -7.31
N ALA B 326 -23.28 5.73 -8.47
CA ALA B 326 -22.56 6.99 -8.58
C ALA B 326 -23.45 8.22 -8.37
N SER B 327 -22.84 9.31 -7.85
CA SER B 327 -23.21 10.68 -8.20
C SER B 327 -22.61 11.06 -9.54
N THR B 328 -23.42 11.65 -10.40
CA THR B 328 -22.97 12.02 -11.72
C THR B 328 -22.69 13.52 -11.80
N GLU B 329 -22.88 14.23 -10.67
CA GLU B 329 -22.98 15.68 -10.73
C GLU B 329 -21.60 16.29 -11.01
N LYS B 330 -20.59 15.88 -10.23
CA LYS B 330 -19.25 16.41 -10.40
C LYS B 330 -18.72 16.14 -11.80
N ALA B 331 -18.95 14.95 -12.34
CA ALA B 331 -18.45 14.62 -13.67
C ALA B 331 -19.14 15.45 -14.74
N GLU B 332 -20.48 15.61 -14.64
CA GLU B 332 -21.21 16.51 -15.52
C GLU B 332 -20.62 17.92 -15.45
N ARG B 333 -20.62 18.53 -14.26
CA ARG B 333 -20.19 19.89 -14.10
C ARG B 333 -18.79 20.05 -14.70
N GLU B 334 -17.84 19.15 -14.40
CA GLU B 334 -16.44 19.45 -14.66
C GLU B 334 -15.93 18.76 -15.94
N LEU B 335 -16.42 17.58 -16.32
CA LEU B 335 -15.88 16.90 -17.51
C LEU B 335 -16.80 17.10 -18.72
N ASN B 336 -17.96 17.73 -18.50
CA ASN B 336 -19.03 17.81 -19.47
C ASN B 336 -19.27 16.40 -20.00
N TRP B 337 -19.40 15.43 -19.08
CA TRP B 337 -19.54 14.03 -19.42
C TRP B 337 -20.75 13.47 -18.66
N LYS B 338 -21.51 12.64 -19.35
CA LYS B 338 -22.62 11.91 -18.77
C LYS B 338 -22.71 10.63 -19.58
N ALA B 339 -23.14 9.52 -18.97
CA ALA B 339 -23.42 8.32 -19.72
C ALA B 339 -24.75 8.43 -20.47
N LYS B 340 -24.80 8.02 -21.75
CA LYS B 340 -26.03 8.16 -22.51
C LYS B 340 -26.69 6.81 -22.77
N ASN B 341 -25.96 5.70 -22.69
CA ASN B 341 -26.59 4.40 -22.87
C ASN B 341 -27.15 3.89 -21.54
N GLY B 342 -28.29 3.18 -21.67
CA GLY B 342 -28.94 2.52 -20.56
C GLY B 342 -28.78 1.02 -20.65
N ILE B 343 -29.31 0.30 -19.67
CA ILE B 343 -29.15 -1.15 -19.55
C ILE B 343 -29.48 -1.82 -20.87
N GLU B 344 -30.61 -1.44 -21.48
CA GLU B 344 -31.08 -2.07 -22.72
C GLU B 344 -30.00 -2.03 -23.81
N GLU B 345 -29.17 -0.98 -23.84
CA GLU B 345 -28.13 -0.85 -24.87
C GLU B 345 -26.92 -1.71 -24.52
N MET B 346 -26.53 -1.65 -23.25
CA MET B 346 -25.40 -2.41 -22.74
C MET B 346 -25.57 -3.90 -23.10
N CYS B 347 -26.82 -4.40 -23.00
CA CYS B 347 -27.06 -5.84 -23.18
C CYS B 347 -27.14 -6.20 -24.66
N ARG B 348 -27.69 -5.29 -25.48
CA ARG B 348 -27.77 -5.50 -26.92
C ARG B 348 -26.36 -5.64 -27.47
N ASP B 349 -25.47 -4.75 -27.02
CA ASP B 349 -24.12 -4.63 -27.57
C ASP B 349 -23.27 -5.82 -27.13
N LEU B 350 -23.40 -6.15 -25.83
CA LEU B 350 -22.80 -7.34 -25.26
C LEU B 350 -23.27 -8.57 -26.03
N TRP B 351 -24.59 -8.67 -26.26
CA TRP B 351 -25.09 -9.86 -26.92
C TRP B 351 -24.59 -9.88 -28.35
N ASN B 352 -24.52 -8.69 -28.97
CA ASN B 352 -24.07 -8.55 -30.34
C ASN B 352 -22.61 -9.01 -30.48
N TRP B 353 -21.75 -8.63 -29.52
CA TRP B 353 -20.37 -9.09 -29.48
C TRP B 353 -20.29 -10.58 -29.16
N ALA B 354 -21.13 -11.01 -28.21
CA ALA B 354 -21.09 -12.38 -27.70
C ALA B 354 -21.59 -13.37 -28.76
N SER B 355 -22.71 -13.04 -29.43
CA SER B 355 -23.28 -13.81 -30.53
C SER B 355 -22.22 -14.14 -31.55
N ASN B 356 -21.57 -13.09 -32.03
CA ASN B 356 -20.67 -13.16 -33.17
C ASN B 356 -19.30 -13.66 -32.75
N ASN B 357 -18.97 -13.61 -31.44
CA ASN B 357 -17.64 -13.97 -30.97
C ASN B 357 -17.71 -14.85 -29.73
N PRO B 358 -18.37 -16.03 -29.82
CA PRO B 358 -18.66 -16.81 -28.63
C PRO B 358 -17.43 -17.33 -27.88
N TYR B 359 -16.30 -17.57 -28.58
CA TYR B 359 -15.08 -18.06 -27.97
C TYR B 359 -14.05 -16.96 -27.88
N GLY B 360 -14.48 -15.72 -28.11
CA GLY B 360 -13.58 -14.61 -27.93
C GLY B 360 -12.88 -14.23 -29.23
N TYR B 361 -11.54 -14.25 -29.22
CA TYR B 361 -10.78 -13.53 -30.22
C TYR B 361 -10.09 -14.55 -31.14
N1 UDP C . 11.14 16.73 16.39
C2 UDP C . 11.60 18.03 16.35
N3 UDP C . 12.75 18.22 15.61
C4 UDP C . 13.44 17.26 14.89
C5 UDP C . 12.88 15.94 14.98
C6 UDP C . 11.78 15.73 15.71
O2 UDP C . 11.06 18.94 16.95
O4 UDP C . 14.43 17.56 14.22
C1' UDP C . 9.94 16.44 17.17
C2' UDP C . 8.80 15.94 16.28
O2' UDP C . 8.11 17.06 15.78
C3' UDP C . 7.99 15.11 17.29
C4' UDP C . 9.08 14.55 18.22
O4' UDP C . 10.23 15.41 18.08
O3' UDP C . 7.03 15.94 17.95
C5' UDP C . 9.51 13.15 17.92
O5' UDP C . 9.99 13.13 16.57
PA UDP C . 10.45 11.78 15.86
O1A UDP C . 10.49 12.03 14.40
O2A UDP C . 11.68 11.25 16.51
O3A UDP C . 9.29 10.77 16.26
PB UDP C . 7.96 10.37 15.49
O1B UDP C . 8.12 10.76 14.00
O2B UDP C . 7.90 8.83 15.72
O3B UDP C . 6.93 11.22 16.22
PA NAD D . 16.86 2.01 11.14
O1A NAD D . 18.01 2.03 12.10
O2A NAD D . 16.87 2.86 9.89
O5B NAD D . 16.67 0.47 10.78
C5B NAD D . 16.16 0.10 9.50
C4B NAD D . 17.17 -0.83 8.88
O4B NAD D . 16.57 -1.37 7.70
C3B NAD D . 18.49 -0.18 8.44
O3B NAD D . 19.57 -0.92 8.98
C2B NAD D . 18.43 -0.23 6.91
O2B NAD D . 19.72 -0.39 6.38
C1B NAD D . 17.54 -1.45 6.69
N9A NAD D . 16.76 -1.47 5.46
C8A NAD D . 15.89 -0.51 5.03
N7A NAD D . 15.29 -0.84 3.92
C5A NAD D . 15.77 -2.11 3.62
C6A NAD D . 15.53 -3.00 2.55
N6A NAD D . 14.72 -2.74 1.53
N1A NAD D . 16.19 -4.18 2.56
C2A NAD D . 17.03 -4.43 3.58
N3A NAD D . 17.34 -3.67 4.63
C4A NAD D . 16.66 -2.51 4.59
O3 NAD D . 15.48 2.32 11.91
PN NAD D . 14.97 1.80 13.32
O1N NAD D . 14.86 2.99 14.22
O2N NAD D . 15.78 0.59 13.68
O5D NAD D . 13.49 1.32 12.94
C5D NAD D . 13.22 -0.07 12.73
C4D NAD D . 11.78 -0.19 12.31
O4D NAD D . 10.97 0.41 13.34
C3D NAD D . 11.40 0.49 11.00
O3D NAD D . 10.52 -0.32 10.24
C2D NAD D . 10.72 1.78 11.48
O2D NAD D . 9.82 2.25 10.50
C1D NAD D . 10.03 1.28 12.76
N1N NAD D . 9.71 2.34 13.76
C2N NAD D . 10.73 3.07 14.31
C3N NAD D . 10.42 4.12 15.18
C7N NAD D . 11.57 4.90 15.70
O7N NAD D . 11.36 5.99 16.25
N7N NAD D . 12.78 4.40 15.54
C4N NAD D . 9.11 4.41 15.54
C5N NAD D . 8.10 3.65 14.99
C6N NAD D . 8.42 2.61 14.11
N1 UDP E . -21.65 -11.51 -9.22
C2 UDP E . -22.28 -12.73 -8.98
N3 UDP E . -21.74 -13.82 -9.60
C4 UDP E . -20.63 -13.83 -10.41
C5 UDP E . -20.02 -12.54 -10.62
C6 UDP E . -20.53 -11.46 -10.01
O2 UDP E . -23.26 -12.84 -8.24
O4 UDP E . -20.24 -14.90 -10.89
C1' UDP E . -22.24 -10.30 -8.56
C2' UDP E . -21.29 -9.62 -7.57
O2' UDP E . -21.43 -10.29 -6.33
C3' UDP E . -21.86 -8.19 -7.60
C4' UDP E . -22.25 -8.00 -9.07
O4' UDP E . -22.57 -9.34 -9.54
O3' UDP E . -23.02 -8.12 -6.77
C5' UDP E . -21.18 -7.42 -9.97
O5' UDP E . -19.93 -8.04 -9.56
PA UDP E . -18.60 -8.01 -10.41
O1A UDP E . -18.89 -8.03 -11.87
O2A UDP E . -17.59 -8.99 -9.89
O3A UDP E . -18.09 -6.58 -10.01
PB UDP E . -17.77 -5.81 -8.64
O1B UDP E . -19.12 -5.21 -8.24
O2B UDP E . -16.74 -4.76 -9.08
O3B UDP E . -17.24 -6.81 -7.63
PA NAD F . -8.94 -6.25 -17.67
O1A NAD F . -9.82 -6.46 -18.87
O2A NAD F . -8.39 -7.41 -16.91
O5B NAD F . -7.74 -5.29 -18.13
C5B NAD F . -6.60 -5.12 -17.31
C4B NAD F . -5.39 -5.45 -18.13
O4B NAD F . -4.23 -5.26 -17.29
C3B NAD F . -5.34 -6.88 -18.67
O3B NAD F . -5.20 -6.93 -20.09
C2B NAD F . -4.09 -7.46 -17.98
O2B NAD F . -3.44 -8.43 -18.78
C1B NAD F . -3.29 -6.20 -17.71
N9A NAD F . -2.30 -6.33 -16.64
C8A NAD F . -2.55 -6.80 -15.39
N7A NAD F . -1.50 -6.75 -14.62
C5A NAD F . -0.50 -6.21 -15.42
C6A NAD F . 0.86 -5.95 -15.19
N6A NAD F . 1.47 -6.16 -14.03
N1A NAD F . 1.57 -5.38 -16.19
C2A NAD F . 0.96 -5.15 -17.36
N3A NAD F . -0.30 -5.40 -17.69
C4A NAD F . -0.99 -5.93 -16.67
O3 NAD F . -9.73 -5.28 -16.67
PN NAD F . -10.67 -4.05 -17.04
O1N NAD F . -12.08 -4.42 -16.79
O2N NAD F . -10.27 -3.50 -18.38
O5D NAD F . -10.27 -2.97 -15.93
C5D NAD F . -9.11 -2.12 -16.15
C4D NAD F . -8.83 -1.36 -14.88
O4D NAD F . -10.07 -0.86 -14.35
C3D NAD F . -8.21 -2.19 -13.76
O3D NAD F . -7.27 -1.41 -13.04
C2D NAD F . -9.42 -2.54 -12.90
O2D NAD F . -9.04 -2.89 -11.57
C1D NAD F . -10.18 -1.22 -13.00
N1N NAD F . -11.61 -1.26 -12.71
C2N NAD F . -12.40 -2.20 -13.34
C3N NAD F . -13.75 -2.27 -13.06
C7N NAD F . -14.60 -3.30 -13.75
O7N NAD F . -15.72 -3.56 -13.28
N7N NAD F . -14.18 -3.86 -14.87
C4N NAD F . -14.32 -1.36 -12.18
C5N NAD F . -13.52 -0.42 -11.56
C6N NAD F . -12.17 -0.38 -11.83
S SO4 G . 4.12 -12.75 -16.32
O1 SO4 G . 4.38 -12.36 -17.70
O2 SO4 G . 3.16 -11.83 -15.75
O3 SO4 G . 5.37 -12.72 -15.59
O4 SO4 G . 3.58 -14.10 -16.27
#